data_8VPD
# 
_entry.id   8VPD 
# 
_audit_conform.dict_name       mmcif_pdbx.dic 
_audit_conform.dict_version    5.395 
_audit_conform.dict_location   http://mmcif.pdb.org/dictionaries/ascii/mmcif_pdbx.dic 
# 
loop_
_database_2.database_id 
_database_2.database_code 
_database_2.pdbx_database_accession 
_database_2.pdbx_DOI 
PDB   8VPD         pdb_00008vpd 10.2210/pdb8vpd/pdb 
WWPDB D_1000280608 ?            ?                   
# 
loop_
_pdbx_audit_revision_history.ordinal 
_pdbx_audit_revision_history.data_content_type 
_pdbx_audit_revision_history.major_revision 
_pdbx_audit_revision_history.minor_revision 
_pdbx_audit_revision_history.revision_date 
1 'Structure model' 1 0 2024-08-07 
2 'Structure model' 1 1 2024-08-14 
3 'Structure model' 1 2 2024-09-04 
# 
_pdbx_audit_revision_details.ordinal             1 
_pdbx_audit_revision_details.revision_ordinal    1 
_pdbx_audit_revision_details.data_content_type   'Structure model' 
_pdbx_audit_revision_details.provider            repository 
_pdbx_audit_revision_details.type                'Initial release' 
_pdbx_audit_revision_details.description         ? 
_pdbx_audit_revision_details.details             ? 
# 
loop_
_pdbx_audit_revision_group.ordinal 
_pdbx_audit_revision_group.revision_ordinal 
_pdbx_audit_revision_group.data_content_type 
_pdbx_audit_revision_group.group 
1 2 'Structure model' 'Database references' 
2 3 'Structure model' 'Database references' 
# 
loop_
_pdbx_audit_revision_category.ordinal 
_pdbx_audit_revision_category.revision_ordinal 
_pdbx_audit_revision_category.data_content_type 
_pdbx_audit_revision_category.category 
1 2 'Structure model' citation        
2 2 'Structure model' citation_author 
3 3 'Structure model' citation        
4 3 'Structure model' citation_author 
# 
loop_
_pdbx_audit_revision_item.ordinal 
_pdbx_audit_revision_item.revision_ordinal 
_pdbx_audit_revision_item.data_content_type 
_pdbx_audit_revision_item.item 
1  2 'Structure model' '_citation.country'                 
2  2 'Structure model' '_citation.journal_abbrev'          
3  2 'Structure model' '_citation.journal_id_ASTM'         
4  2 'Structure model' '_citation.journal_id_CSD'          
5  2 'Structure model' '_citation.journal_id_ISSN'         
6  2 'Structure model' '_citation.pdbx_database_id_DOI'    
7  2 'Structure model' '_citation.pdbx_database_id_PubMed' 
8  2 'Structure model' '_citation.title'                   
9  2 'Structure model' '_citation.year'                    
10 2 'Structure model' '_citation_author.identifier_ORCID' 
11 2 'Structure model' '_citation_author.name'             
12 3 'Structure model' '_citation.journal_volume'          
13 3 'Structure model' '_citation.page_first'              
14 3 'Structure model' '_citation.page_last'               
15 3 'Structure model' '_citation_author.identifier_ORCID' 
# 
_pdbx_database_status.status_code                     REL 
_pdbx_database_status.status_code_sf                  REL 
_pdbx_database_status.status_code_mr                  ? 
_pdbx_database_status.entry_id                        8VPD 
_pdbx_database_status.recvd_initial_deposition_date   2024-01-16 
_pdbx_database_status.SG_entry                        N 
_pdbx_database_status.deposit_site                    RCSB 
_pdbx_database_status.process_site                    RCSB 
_pdbx_database_status.status_code_cs                  ? 
_pdbx_database_status.status_code_nmr_data            ? 
_pdbx_database_status.methods_development_category    ? 
_pdbx_database_status.pdb_format_compatible           Y 
# 
_pdbx_contact_author.id                 2 
_pdbx_contact_author.email              andyn@uic.edu 
_pdbx_contact_author.name_first         Andy 
_pdbx_contact_author.name_last          Nguyen 
_pdbx_contact_author.name_mi            I 
_pdbx_contact_author.role               'principal investigator/group leader' 
_pdbx_contact_author.identifier_ORCID   0000-0003-4137-6453 
# 
_audit_author.name               'Ganatra, P.' 
_audit_author.pdbx_ordinal       1 
_audit_author.identifier_ORCID   0000-0002-5836-6772 
# 
_citation.abstract                  ? 
_citation.abstract_id_CAS           ? 
_citation.book_id_ISBN              ? 
_citation.book_publisher            ? 
_citation.book_publisher_city       ? 
_citation.book_title                ? 
_citation.coordinate_linkage        ? 
_citation.country                   US 
_citation.database_id_Medline       ? 
_citation.details                   ? 
_citation.id                        primary 
_citation.journal_abbrev            J.Am.Chem.Soc. 
_citation.journal_id_ASTM           JACSAT 
_citation.journal_id_CSD            ? 
_citation.journal_id_ISSN           1520-5126 
_citation.journal_full              ? 
_citation.journal_issue             ? 
_citation.journal_volume            146 
_citation.language                  ? 
_citation.page_first                22236 
_citation.page_last                 22246 
_citation.title                     'Diverse Proteomimetic Frameworks via Rational Design of pi-Stacking Peptide Tectons.' 
_citation.year                      2024 
_citation.database_id_CSD           ? 
_citation.pdbx_database_id_DOI      10.1021/jacs.4c03094 
_citation.pdbx_database_id_PubMed   39096501 
_citation.pdbx_database_id_patent   ? 
_citation.unpublished_flag          ? 
# 
loop_
_citation_author.citation_id 
_citation_author.name 
_citation_author.ordinal 
_citation_author.identifier_ORCID 
primary 'Ganatra, P.'  1 ? 
primary 'Wang, D.F.'   2 ? 
primary 'Ganatra, V.'  3 ? 
primary 'Dang, V.T.'   4 ? 
primary 'Nguyen, A.I.' 5 ? 
# 
loop_
_entity.id 
_entity.type 
_entity.src_method 
_entity.pdbx_description 
_entity.formula_weight 
_entity.pdbx_number_of_molecules 
_entity.pdbx_ec 
_entity.pdbx_mutation 
_entity.pdbx_fragment 
_entity.details 
1 polymer     syn UIC-11-BIF   1472.732 1  ? ? ? ? 
2 non-polymer syn ACETONITRILE 41.052   1  ? ? ? ? 
3 water       nat water        18.015   10 ? ? ? ? 
# 
_entity_poly.entity_id                      1 
_entity_poly.type                           'polypeptide(L)' 
_entity_poly.nstd_linkage                   no 
_entity_poly.nstd_monomer                   yes 
_entity_poly.pdbx_seq_one_letter_code       '(Z7Z)A(AIB)L(AIB)A(AIB)L(AIB)Q(AIB)L(I77)' 
_entity_poly.pdbx_seq_one_letter_code_can   XAALAAALAQALX 
_entity_poly.pdbx_strand_id                 A 
_entity_poly.pdbx_target_identifier         ? 
# 
loop_
_pdbx_entity_nonpoly.entity_id 
_pdbx_entity_nonpoly.name 
_pdbx_entity_nonpoly.comp_id 
2 ACETONITRILE CCN 
3 water        HOH 
# 
loop_
_entity_poly_seq.entity_id 
_entity_poly_seq.num 
_entity_poly_seq.mon_id 
_entity_poly_seq.hetero 
1 1  Z7Z n 
1 2  ALA n 
1 3  AIB n 
1 4  LEU n 
1 5  AIB n 
1 6  ALA n 
1 7  AIB n 
1 8  LEU n 
1 9  AIB n 
1 10 GLN n 
1 11 AIB n 
1 12 LEU n 
1 13 I77 n 
# 
_pdbx_entity_src_syn.entity_id              1 
_pdbx_entity_src_syn.pdbx_src_id            1 
_pdbx_entity_src_syn.pdbx_alt_source_flag   sample 
_pdbx_entity_src_syn.pdbx_beg_seq_num       1 
_pdbx_entity_src_syn.pdbx_end_seq_num       13 
_pdbx_entity_src_syn.organism_scientific    'synthetic construct' 
_pdbx_entity_src_syn.organism_common_name   ? 
_pdbx_entity_src_syn.ncbi_taxonomy_id       32630 
_pdbx_entity_src_syn.details                ? 
# 
loop_
_chem_comp.id 
_chem_comp.type 
_chem_comp.mon_nstd_flag 
_chem_comp.name 
_chem_comp.pdbx_synonyms 
_chem_comp.formula 
_chem_comp.formula_weight 
AIB 'L-peptide linking' n 'ALPHA-AMINOISOBUTYRIC ACID'                            ? 'C4 H9 N O2'    103.120 
ALA 'L-peptide linking' y ALANINE                                                 ? 'C3 H7 N O2'    89.093  
CCN non-polymer         . ACETONITRILE                                            ? 'C2 H3 N'       41.052  
GLN 'L-peptide linking' y GLUTAMINE                                               ? 'C5 H10 N2 O3'  146.144 
HOH non-polymer         . WATER                                                   ? 'H2 O'          18.015  
I77 non-polymer         . "5'-(hydrazinecarbonyl)[2,2'-bipyridine]-5-carboxamide" ? 'C12 H11 N5 O2' 257.248 
LEU 'L-peptide linking' y LEUCINE                                                 ? 'C6 H13 N O2'   131.173 
Z7Z non-polymer         . 'biphenyl-4-carboxylic acid'                            ? 'C13 H10 O2'    198.217 
# 
loop_
_pdbx_poly_seq_scheme.asym_id 
_pdbx_poly_seq_scheme.entity_id 
_pdbx_poly_seq_scheme.seq_id 
_pdbx_poly_seq_scheme.mon_id 
_pdbx_poly_seq_scheme.ndb_seq_num 
_pdbx_poly_seq_scheme.pdb_seq_num 
_pdbx_poly_seq_scheme.auth_seq_num 
_pdbx_poly_seq_scheme.pdb_mon_id 
_pdbx_poly_seq_scheme.auth_mon_id 
_pdbx_poly_seq_scheme.pdb_strand_id 
_pdbx_poly_seq_scheme.pdb_ins_code 
_pdbx_poly_seq_scheme.hetero 
A 1 1  Z7Z 1  1  1  Z7Z BIF A . n 
A 1 2  ALA 2  2  2  ALA ALA A . n 
A 1 3  AIB 3  3  3  AIB AIB A . n 
A 1 4  LEU 4  4  4  LEU LEU A . n 
A 1 5  AIB 5  5  5  AIB AIB A . n 
A 1 6  ALA 6  6  6  ALA ALA A . n 
A 1 7  AIB 7  7  7  AIB AIB A . n 
A 1 8  LEU 8  8  8  LEU LEU A . n 
A 1 9  AIB 9  9  9  AIB AIB A . n 
A 1 10 GLN 10 10 10 GLN GLN A . n 
A 1 11 AIB 11 11 11 AIB AIB A . n 
A 1 12 LEU 12 12 12 LEU LEU A . n 
A 1 13 I77 13 13 13 I77 BPH A . n 
# 
loop_
_pdbx_entity_instance_feature.ordinal 
_pdbx_entity_instance_feature.comp_id 
_pdbx_entity_instance_feature.asym_id 
_pdbx_entity_instance_feature.seq_num 
_pdbx_entity_instance_feature.auth_comp_id 
_pdbx_entity_instance_feature.auth_asym_id 
_pdbx_entity_instance_feature.auth_seq_num 
_pdbx_entity_instance_feature.feature_type 
_pdbx_entity_instance_feature.details 
1 Z7Z ? ? Z7Z ? ? 'SUBJECT OF INVESTIGATION' ? 
2 I77 ? ? I77 ? ? 'SUBJECT OF INVESTIGATION' ? 
# 
loop_
_pdbx_nonpoly_scheme.asym_id 
_pdbx_nonpoly_scheme.entity_id 
_pdbx_nonpoly_scheme.mon_id 
_pdbx_nonpoly_scheme.ndb_seq_num 
_pdbx_nonpoly_scheme.pdb_seq_num 
_pdbx_nonpoly_scheme.auth_seq_num 
_pdbx_nonpoly_scheme.pdb_mon_id 
_pdbx_nonpoly_scheme.auth_mon_id 
_pdbx_nonpoly_scheme.pdb_strand_id 
_pdbx_nonpoly_scheme.pdb_ins_code 
B 2 CCN 1  101 11 CCN CCN A . 
C 3 HOH 1  201 3  HOH HOH A . 
C 3 HOH 2  202 1  HOH HOH A . 
C 3 HOH 3  203 4  HOH HOH A . 
C 3 HOH 4  204 2  HOH HOH A . 
C 3 HOH 5  205 5  HOH HOH A . 
C 3 HOH 6  206 10 HOH HOH A . 
C 3 HOH 7  207 9  HOH HOH A . 
C 3 HOH 8  208 7  HOH HOH A . 
C 3 HOH 9  209 6  HOH HOH A . 
C 3 HOH 10 210 8  HOH HOH A . 
# 
loop_
_software.citation_id 
_software.classification 
_software.compiler_name 
_software.compiler_version 
_software.contact_author 
_software.contact_author_email 
_software.date 
_software.description 
_software.dependencies 
_software.hardware 
_software.language 
_software.location 
_software.mods 
_software.name 
_software.os 
_software.os_version 
_software.type 
_software.version 
_software.pdbx_ordinal 
? refinement       ? ? ? ? ? ? ? ? ? ? ? PHENIX ? ? ? 1.20.1_4487 1 
? 'data reduction' ? ? ? ? ? ? ? ? ? ? ? XDS    ? ? ? .           2 
? 'data scaling'   ? ? ? ? ? ? ? ? ? ? ? XDS    ? ? ? .           3 
? phasing          ? ? ? ? ? ? ? ? ? ? ? PHASER ? ? ? .           4 
# 
_cell.angle_alpha                  90.000 
_cell.angle_alpha_esd              ? 
_cell.angle_beta                   113.900 
_cell.angle_beta_esd               ? 
_cell.angle_gamma                  90.000 
_cell.angle_gamma_esd              ? 
_cell.entry_id                     8VPD 
_cell.details                      ? 
_cell.formula_units_Z              ? 
_cell.length_a                     38.485 
_cell.length_a_esd                 ? 
_cell.length_b                     8.794 
_cell.length_b_esd                 ? 
_cell.length_c                     31.786 
_cell.length_c_esd                 ? 
_cell.volume                       9835.143 
_cell.volume_esd                   ? 
_cell.Z_PDB                        4 
_cell.reciprocal_angle_alpha       ? 
_cell.reciprocal_angle_beta        ? 
_cell.reciprocal_angle_gamma       ? 
_cell.reciprocal_angle_alpha_esd   ? 
_cell.reciprocal_angle_beta_esd    ? 
_cell.reciprocal_angle_gamma_esd   ? 
_cell.reciprocal_length_a          ? 
_cell.reciprocal_length_b          ? 
_cell.reciprocal_length_c          ? 
_cell.reciprocal_length_a_esd      ? 
_cell.reciprocal_length_b_esd      ? 
_cell.reciprocal_length_c_esd      ? 
_cell.pdbx_unique_axis             ? 
_cell.pdbx_esd_method              ? 
# 
_symmetry.entry_id                         8VPD 
_symmetry.cell_setting                     ? 
_symmetry.Int_Tables_number                5 
_symmetry.space_group_name_Hall            'C 2y' 
_symmetry.space_group_name_H-M             'C 1 2 1' 
_symmetry.pdbx_full_space_group_name_H-M   ? 
# 
_exptl.absorpt_coefficient_mu     ? 
_exptl.absorpt_correction_T_max   ? 
_exptl.absorpt_correction_T_min   ? 
_exptl.absorpt_correction_type    ? 
_exptl.absorpt_process_details    ? 
_exptl.entry_id                   8VPD 
_exptl.crystals_number            1 
_exptl.details                    ? 
_exptl.method                     'X-RAY DIFFRACTION' 
_exptl.method_details             ? 
# 
_exptl_crystal.colour                       ? 
_exptl_crystal.density_diffrn               ? 
_exptl_crystal.density_Matthews             1.93 
_exptl_crystal.density_method               ? 
_exptl_crystal.density_percent_sol          36.14 
_exptl_crystal.description                  ? 
_exptl_crystal.F_000                        ? 
_exptl_crystal.id                           1 
_exptl_crystal.preparation                  ? 
_exptl_crystal.size_max                     ? 
_exptl_crystal.size_mid                     ? 
_exptl_crystal.size_min                     ? 
_exptl_crystal.size_rad                     ? 
_exptl_crystal.colour_lustre                ? 
_exptl_crystal.colour_modifier              ? 
_exptl_crystal.colour_primary               ? 
_exptl_crystal.density_meas                 ? 
_exptl_crystal.density_meas_esd             ? 
_exptl_crystal.density_meas_gt              ? 
_exptl_crystal.density_meas_lt              ? 
_exptl_crystal.density_meas_temp            ? 
_exptl_crystal.density_meas_temp_esd        ? 
_exptl_crystal.density_meas_temp_gt         ? 
_exptl_crystal.density_meas_temp_lt         ? 
_exptl_crystal.pdbx_crystal_image_url       ? 
_exptl_crystal.pdbx_crystal_image_format    ? 
_exptl_crystal.pdbx_mosaicity               ? 
_exptl_crystal.pdbx_mosaicity_esd           ? 
_exptl_crystal.pdbx_mosaic_method           ? 
_exptl_crystal.pdbx_mosaic_block_size       ? 
_exptl_crystal.pdbx_mosaic_block_size_esd   ? 
# 
_exptl_crystal_grow.apparatus       ? 
_exptl_crystal_grow.atmosphere      ? 
_exptl_crystal_grow.crystal_id      1 
_exptl_crystal_grow.details         ? 
_exptl_crystal_grow.method          'SLOW COOLING' 
_exptl_crystal_grow.method_ref      ? 
_exptl_crystal_grow.pH              ? 
_exptl_crystal_grow.pressure        ? 
_exptl_crystal_grow.pressure_esd    ? 
_exptl_crystal_grow.seeding         ? 
_exptl_crystal_grow.seeding_ref     ? 
_exptl_crystal_grow.temp_details    ? 
_exptl_crystal_grow.temp_esd        ? 
_exptl_crystal_grow.time            ? 
_exptl_crystal_grow.pdbx_details    'acetonitrile, water' 
_exptl_crystal_grow.pdbx_pH_range   ? 
_exptl_crystal_grow.temp            298 
# 
_diffrn.ambient_environment              ? 
_diffrn.ambient_temp                     100 
_diffrn.ambient_temp_details             ? 
_diffrn.ambient_temp_esd                 ? 
_diffrn.crystal_id                       1 
_diffrn.crystal_support                  ? 
_diffrn.crystal_treatment                ? 
_diffrn.details                          ? 
_diffrn.id                               1 
_diffrn.ambient_pressure                 ? 
_diffrn.ambient_pressure_esd             ? 
_diffrn.ambient_pressure_gt              ? 
_diffrn.ambient_pressure_lt              ? 
_diffrn.ambient_temp_gt                  ? 
_diffrn.ambient_temp_lt                  ? 
_diffrn.pdbx_serial_crystal_experiment   N 
# 
_diffrn_detector.details                      ? 
_diffrn_detector.detector                     PIXEL 
_diffrn_detector.diffrn_id                    1 
_diffrn_detector.type                         'DECTRIS EIGER X 9M' 
_diffrn_detector.area_resol_mean              ? 
_diffrn_detector.dtime                        ? 
_diffrn_detector.pdbx_frames_total            ? 
_diffrn_detector.pdbx_collection_time_total   ? 
_diffrn_detector.pdbx_collection_date         2022-09-24 
_diffrn_detector.pdbx_frequency               ? 
_diffrn_detector.id                           ? 
_diffrn_detector.number_of_axes               ? 
# 
_diffrn_radiation.collimation                      ? 
_diffrn_radiation.diffrn_id                        1 
_diffrn_radiation.filter_edge                      ? 
_diffrn_radiation.inhomogeneity                    ? 
_diffrn_radiation.monochromator                    ? 
_diffrn_radiation.polarisn_norm                    ? 
_diffrn_radiation.polarisn_ratio                   ? 
_diffrn_radiation.probe                            ? 
_diffrn_radiation.type                             ? 
_diffrn_radiation.xray_symbol                      ? 
_diffrn_radiation.wavelength_id                    1 
_diffrn_radiation.pdbx_monochromatic_or_laue_m_l   M 
_diffrn_radiation.pdbx_wavelength_list             ? 
_diffrn_radiation.pdbx_wavelength                  ? 
_diffrn_radiation.pdbx_diffrn_protocol             'SINGLE WAVELENGTH' 
_diffrn_radiation.pdbx_analyzer                    ? 
_diffrn_radiation.pdbx_scattering_type             x-ray 
# 
_diffrn_radiation_wavelength.id           1 
_diffrn_radiation_wavelength.wavelength   0.688839 
_diffrn_radiation_wavelength.wt           1.0 
# 
_diffrn_source.current                     ? 
_diffrn_source.details                     ? 
_diffrn_source.diffrn_id                   1 
_diffrn_source.power                       ? 
_diffrn_source.size                        ? 
_diffrn_source.source                      SYNCHROTRON 
_diffrn_source.target                      ? 
_diffrn_source.type                        'APS BEAMLINE 21-ID-D' 
_diffrn_source.voltage                     ? 
_diffrn_source.take-off_angle              ? 
_diffrn_source.pdbx_wavelength_list        0.688839 
_diffrn_source.pdbx_wavelength             ? 
_diffrn_source.pdbx_synchrotron_beamline   21-ID-D 
_diffrn_source.pdbx_synchrotron_site       APS 
# 
_reflns.B_iso_Wilson_estimate                          10.21 
_reflns.entry_id                                       8VPD 
_reflns.data_reduction_details                         ? 
_reflns.data_reduction_method                          ? 
_reflns.d_resolution_high                              1.2 
_reflns.d_resolution_low                               14.53 
_reflns.details                                        ? 
_reflns.limit_h_max                                    ? 
_reflns.limit_h_min                                    ? 
_reflns.limit_k_max                                    ? 
_reflns.limit_k_min                                    ? 
_reflns.limit_l_max                                    ? 
_reflns.limit_l_min                                    ? 
_reflns.number_all                                     ? 
_reflns.number_obs                                     3163 
_reflns.observed_criterion                             ? 
_reflns.observed_criterion_F_max                       ? 
_reflns.observed_criterion_F_min                       ? 
_reflns.observed_criterion_I_max                       ? 
_reflns.observed_criterion_I_min                       ? 
_reflns.observed_criterion_sigma_F                     ? 
_reflns.observed_criterion_sigma_I                     ? 
_reflns.percent_possible_obs                           95.61 
_reflns.R_free_details                                 ? 
_reflns.Rmerge_F_all                                   ? 
_reflns.Rmerge_F_obs                                   ? 
_reflns.Friedel_coverage                               ? 
_reflns.number_gt                                      ? 
_reflns.threshold_expression                           ? 
_reflns.pdbx_redundancy                                5.7 
_reflns.pdbx_netI_over_av_sigmaI                       ? 
_reflns.pdbx_netI_over_sigmaI                          4.26 
_reflns.pdbx_res_netI_over_av_sigmaI_2                 ? 
_reflns.pdbx_res_netI_over_sigmaI_2                    ? 
_reflns.pdbx_chi_squared                               ? 
_reflns.pdbx_scaling_rejects                           ? 
_reflns.pdbx_d_res_high_opt                            ? 
_reflns.pdbx_d_res_low_opt                             ? 
_reflns.pdbx_d_res_opt_method                          ? 
_reflns.phase_calculation_details                      ? 
_reflns.pdbx_Rrim_I_all                                ? 
_reflns.pdbx_Rpim_I_all                                ? 
_reflns.pdbx_d_opt                                     ? 
_reflns.pdbx_number_measured_all                       ? 
_reflns.pdbx_diffrn_id                                 1 
_reflns.pdbx_ordinal                                   1 
_reflns.pdbx_CC_half                                   0.984 
_reflns.pdbx_CC_star                                   ? 
_reflns.pdbx_R_split                                   ? 
_reflns.pdbx_Rmerge_I_obs                              ? 
_reflns.pdbx_Rmerge_I_all                              ? 
_reflns.pdbx_Rsym_value                                ? 
_reflns.pdbx_CC_split_method                           ? 
_reflns.pdbx_aniso_diffraction_limit_axis_1_ortho[1]   ? 
_reflns.pdbx_aniso_diffraction_limit_axis_1_ortho[2]   ? 
_reflns.pdbx_aniso_diffraction_limit_axis_1_ortho[3]   ? 
_reflns.pdbx_aniso_diffraction_limit_axis_2_ortho[1]   ? 
_reflns.pdbx_aniso_diffraction_limit_axis_2_ortho[2]   ? 
_reflns.pdbx_aniso_diffraction_limit_axis_2_ortho[3]   ? 
_reflns.pdbx_aniso_diffraction_limit_axis_3_ortho[1]   ? 
_reflns.pdbx_aniso_diffraction_limit_axis_3_ortho[2]   ? 
_reflns.pdbx_aniso_diffraction_limit_axis_3_ortho[3]   ? 
_reflns.pdbx_aniso_diffraction_limit_1                 ? 
_reflns.pdbx_aniso_diffraction_limit_2                 ? 
_reflns.pdbx_aniso_diffraction_limit_3                 ? 
_reflns.pdbx_aniso_B_tensor_eigenvector_1_ortho[1]     ? 
_reflns.pdbx_aniso_B_tensor_eigenvector_1_ortho[2]     ? 
_reflns.pdbx_aniso_B_tensor_eigenvector_1_ortho[3]     ? 
_reflns.pdbx_aniso_B_tensor_eigenvector_2_ortho[1]     ? 
_reflns.pdbx_aniso_B_tensor_eigenvector_2_ortho[2]     ? 
_reflns.pdbx_aniso_B_tensor_eigenvector_2_ortho[3]     ? 
_reflns.pdbx_aniso_B_tensor_eigenvector_3_ortho[1]     ? 
_reflns.pdbx_aniso_B_tensor_eigenvector_3_ortho[2]     ? 
_reflns.pdbx_aniso_B_tensor_eigenvector_3_ortho[3]     ? 
_reflns.pdbx_aniso_B_tensor_eigenvalue_1               ? 
_reflns.pdbx_aniso_B_tensor_eigenvalue_2               ? 
_reflns.pdbx_aniso_B_tensor_eigenvalue_3               ? 
_reflns.pdbx_orthogonalization_convention              ? 
_reflns.pdbx_percent_possible_ellipsoidal              ? 
_reflns.pdbx_percent_possible_spherical                ? 
_reflns.pdbx_percent_possible_ellipsoidal_anomalous    ? 
_reflns.pdbx_percent_possible_spherical_anomalous      ? 
_reflns.pdbx_redundancy_anomalous                      ? 
_reflns.pdbx_CC_half_anomalous                         ? 
_reflns.pdbx_absDiff_over_sigma_anomalous              ? 
_reflns.pdbx_percent_possible_anomalous                ? 
_reflns.pdbx_observed_signal_threshold                 ? 
_reflns.pdbx_signal_type                               ? 
_reflns.pdbx_signal_details                            ? 
_reflns.pdbx_signal_software_id                        ? 
# 
_reflns_shell.d_res_high                                    1.2 
_reflns_shell.d_res_low                                     1.243 
_reflns_shell.meanI_over_sigI_all                           ? 
_reflns_shell.meanI_over_sigI_obs                           ? 
_reflns_shell.number_measured_all                           ? 
_reflns_shell.number_measured_obs                           ? 
_reflns_shell.number_possible                               ? 
_reflns_shell.number_unique_all                             ? 
_reflns_shell.number_unique_obs                             276 
_reflns_shell.percent_possible_obs                          ? 
_reflns_shell.Rmerge_F_all                                  ? 
_reflns_shell.Rmerge_F_obs                                  ? 
_reflns_shell.meanI_over_sigI_gt                            ? 
_reflns_shell.meanI_over_uI_all                             ? 
_reflns_shell.meanI_over_uI_gt                              ? 
_reflns_shell.number_measured_gt                            ? 
_reflns_shell.number_unique_gt                              ? 
_reflns_shell.percent_possible_gt                           ? 
_reflns_shell.Rmerge_F_gt                                   ? 
_reflns_shell.Rmerge_I_gt                                   ? 
_reflns_shell.pdbx_redundancy                               ? 
_reflns_shell.pdbx_chi_squared                              ? 
_reflns_shell.pdbx_netI_over_sigmaI_all                     ? 
_reflns_shell.pdbx_netI_over_sigmaI_obs                     ? 
_reflns_shell.pdbx_Rrim_I_all                               ? 
_reflns_shell.pdbx_Rpim_I_all                               ? 
_reflns_shell.pdbx_rejects                                  ? 
_reflns_shell.pdbx_ordinal                                  1 
_reflns_shell.pdbx_diffrn_id                                1 
_reflns_shell.pdbx_CC_half                                  0.782 
_reflns_shell.pdbx_CC_star                                  ? 
_reflns_shell.pdbx_R_split                                  ? 
_reflns_shell.percent_possible_all                          ? 
_reflns_shell.Rmerge_I_all                                  ? 
_reflns_shell.Rmerge_I_obs                                  ? 
_reflns_shell.pdbx_Rsym_value                               ? 
_reflns_shell.pdbx_percent_possible_ellipsoidal             ? 
_reflns_shell.pdbx_percent_possible_spherical               ? 
_reflns_shell.pdbx_percent_possible_ellipsoidal_anomalous   ? 
_reflns_shell.pdbx_percent_possible_spherical_anomalous     ? 
_reflns_shell.pdbx_redundancy_anomalous                     ? 
_reflns_shell.pdbx_CC_half_anomalous                        ? 
_reflns_shell.pdbx_absDiff_over_sigma_anomalous             ? 
_reflns_shell.pdbx_percent_possible_anomalous               ? 
# 
_refine.aniso_B[1][1]                            ? 
_refine.aniso_B[1][2]                            ? 
_refine.aniso_B[1][3]                            ? 
_refine.aniso_B[2][2]                            ? 
_refine.aniso_B[2][3]                            ? 
_refine.aniso_B[3][3]                            ? 
_refine.B_iso_max                                ? 
_refine.B_iso_mean                               16.32 
_refine.B_iso_min                                ? 
_refine.correlation_coeff_Fo_to_Fc               ? 
_refine.correlation_coeff_Fo_to_Fc_free          ? 
_refine.details                                  ? 
_refine.diff_density_max                         ? 
_refine.diff_density_max_esd                     ? 
_refine.diff_density_min                         ? 
_refine.diff_density_min_esd                     ? 
_refine.diff_density_rms                         ? 
_refine.diff_density_rms_esd                     ? 
_refine.entry_id                                 8VPD 
_refine.pdbx_refine_id                           'X-RAY DIFFRACTION' 
_refine.ls_abs_structure_details                 ? 
_refine.ls_abs_structure_Flack                   ? 
_refine.ls_abs_structure_Flack_esd               ? 
_refine.ls_abs_structure_Rogers                  ? 
_refine.ls_abs_structure_Rogers_esd              ? 
_refine.ls_d_res_high                            1.20 
_refine.ls_d_res_low                             14.53 
_refine.ls_extinction_coef                       ? 
_refine.ls_extinction_coef_esd                   ? 
_refine.ls_extinction_expression                 ? 
_refine.ls_extinction_method                     ? 
_refine.ls_goodness_of_fit_all                   ? 
_refine.ls_goodness_of_fit_all_esd               ? 
_refine.ls_goodness_of_fit_obs                   ? 
_refine.ls_goodness_of_fit_obs_esd               ? 
_refine.ls_hydrogen_treatment                    ? 
_refine.ls_matrix_type                           ? 
_refine.ls_number_constraints                    ? 
_refine.ls_number_parameters                     ? 
_refine.ls_number_reflns_all                     ? 
_refine.ls_number_reflns_obs                     3163 
_refine.ls_number_reflns_R_free                  559 
_refine.ls_number_reflns_R_work                  5135 
_refine.ls_number_restraints                     ? 
_refine.ls_percent_reflns_obs                    95.06 
_refine.ls_percent_reflns_R_free                 9.82 
_refine.ls_R_factor_all                          ? 
_refine.ls_R_factor_obs                          0.2100 
_refine.ls_R_factor_R_free                       0.2320 
_refine.ls_R_factor_R_free_error                 ? 
_refine.ls_R_factor_R_free_error_details         ? 
_refine.ls_R_factor_R_work                       0.2081 
_refine.ls_R_Fsqd_factor_obs                     ? 
_refine.ls_R_I_factor_obs                        ? 
_refine.ls_redundancy_reflns_all                 ? 
_refine.ls_redundancy_reflns_obs                 ? 
_refine.ls_restrained_S_all                      ? 
_refine.ls_restrained_S_obs                      ? 
_refine.ls_shift_over_esd_max                    ? 
_refine.ls_shift_over_esd_mean                   ? 
_refine.ls_structure_factor_coef                 ? 
_refine.ls_weighting_details                     ? 
_refine.ls_weighting_scheme                      ? 
_refine.ls_wR_factor_all                         ? 
_refine.ls_wR_factor_obs                         ? 
_refine.ls_wR_factor_R_free                      ? 
_refine.ls_wR_factor_R_work                      ? 
_refine.occupancy_max                            ? 
_refine.occupancy_min                            ? 
_refine.solvent_model_details                    'FLAT BULK SOLVENT MODEL' 
_refine.solvent_model_param_bsol                 ? 
_refine.solvent_model_param_ksol                 ? 
_refine.pdbx_R_complete                          ? 
_refine.ls_R_factor_gt                           ? 
_refine.ls_goodness_of_fit_gt                    ? 
_refine.ls_goodness_of_fit_ref                   ? 
_refine.ls_shift_over_su_max                     ? 
_refine.ls_shift_over_su_max_lt                  ? 
_refine.ls_shift_over_su_mean                    ? 
_refine.ls_shift_over_su_mean_lt                 ? 
_refine.pdbx_ls_sigma_I                          ? 
_refine.pdbx_ls_sigma_F                          1.43 
_refine.pdbx_ls_sigma_Fsqd                       ? 
_refine.pdbx_data_cutoff_high_absF               ? 
_refine.pdbx_data_cutoff_high_rms_absF           ? 
_refine.pdbx_data_cutoff_low_absF                ? 
_refine.pdbx_isotropic_thermal_model             ? 
_refine.pdbx_ls_cross_valid_method               'FREE R-VALUE' 
_refine.pdbx_method_to_determine_struct          'MOLECULAR REPLACEMENT' 
_refine.pdbx_starting_model                      ? 
_refine.pdbx_stereochemistry_target_values       'GeoStd + Monomer Library + CDL v1.2' 
_refine.pdbx_R_Free_selection_details            ? 
_refine.pdbx_stereochem_target_val_spec_case     ? 
_refine.pdbx_overall_ESU_R                       ? 
_refine.pdbx_overall_ESU_R_Free                  ? 
_refine.pdbx_solvent_vdw_probe_radii             1.1000 
_refine.pdbx_solvent_ion_probe_radii             ? 
_refine.pdbx_solvent_shrinkage_radii             0.9000 
_refine.pdbx_real_space_R                        ? 
_refine.pdbx_density_correlation                 ? 
_refine.pdbx_pd_number_of_powder_patterns        ? 
_refine.pdbx_pd_number_of_points                 ? 
_refine.pdbx_pd_meas_number_of_points            ? 
_refine.pdbx_pd_proc_ls_prof_R_factor            ? 
_refine.pdbx_pd_proc_ls_prof_wR_factor           ? 
_refine.pdbx_pd_Marquardt_correlation_coeff      ? 
_refine.pdbx_pd_Fsqrd_R_factor                   ? 
_refine.pdbx_pd_ls_matrix_band_width             ? 
_refine.pdbx_overall_phase_error                 30.0735 
_refine.pdbx_overall_SU_R_free_Cruickshank_DPI   ? 
_refine.pdbx_overall_SU_R_free_Blow_DPI          ? 
_refine.pdbx_overall_SU_R_Blow_DPI               ? 
_refine.pdbx_TLS_residual_ADP_flag               ? 
_refine.pdbx_diffrn_id                           1 
_refine.overall_SU_B                             ? 
_refine.overall_SU_ML                            0.1669 
_refine.overall_SU_R_Cruickshank_DPI             ? 
_refine.overall_SU_R_free                        ? 
_refine.overall_FOM_free_R_set                   ? 
_refine.overall_FOM_work_R_set                   ? 
_refine.pdbx_average_fsc_overall                 ? 
_refine.pdbx_average_fsc_work                    ? 
_refine.pdbx_average_fsc_free                    ? 
# 
_refine_hist.pdbx_refine_id                   'X-RAY DIFFRACTION' 
_refine_hist.cycle_id                         LAST 
_refine_hist.details                          ? 
_refine_hist.d_res_high                       1.20 
_refine_hist.d_res_low                        14.53 
_refine_hist.number_atoms_solvent             10 
_refine_hist.number_atoms_total               119 
_refine_hist.number_reflns_all                ? 
_refine_hist.number_reflns_obs                ? 
_refine_hist.number_reflns_R_free             ? 
_refine_hist.number_reflns_R_work             ? 
_refine_hist.R_factor_all                     ? 
_refine_hist.R_factor_obs                     ? 
_refine_hist.R_factor_R_free                  ? 
_refine_hist.R_factor_R_work                  ? 
_refine_hist.pdbx_number_residues_total       ? 
_refine_hist.pdbx_B_iso_mean_ligand           ? 
_refine_hist.pdbx_B_iso_mean_solvent          ? 
_refine_hist.pdbx_number_atoms_protein        87 
_refine_hist.pdbx_number_atoms_nucleic_acid   0 
_refine_hist.pdbx_number_atoms_ligand         22 
_refine_hist.pdbx_number_atoms_lipid          ? 
_refine_hist.pdbx_number_atoms_carb           ? 
_refine_hist.pdbx_pseudo_atom_details         ? 
# 
loop_
_refine_ls_restr.pdbx_refine_id 
_refine_ls_restr.criterion 
_refine_ls_restr.dev_ideal 
_refine_ls_restr.dev_ideal_target 
_refine_ls_restr.number 
_refine_ls_restr.rejects 
_refine_ls_restr.type 
_refine_ls_restr.weight 
_refine_ls_restr.pdbx_restraint_function 
'X-RAY DIFFRACTION' ? 0.0102  ? 118 ? f_bond_d           ? ? 
'X-RAY DIFFRACTION' ? 1.8145  ? 167 ? f_angle_d          ? ? 
'X-RAY DIFFRACTION' ? 0.0446  ? 11  ? f_chiral_restr     ? ? 
'X-RAY DIFFRACTION' ? 0.0084  ? 19  ? f_plane_restr      ? ? 
'X-RAY DIFFRACTION' ? 30.8033 ? 22  ? f_dihedral_angle_d ? ? 
# 
loop_
_refine_ls_shell.pdbx_refine_id 
_refine_ls_shell.d_res_high 
_refine_ls_shell.d_res_low 
_refine_ls_shell.number_reflns_all 
_refine_ls_shell.number_reflns_obs 
_refine_ls_shell.number_reflns_R_free 
_refine_ls_shell.number_reflns_R_work 
_refine_ls_shell.percent_reflns_obs 
_refine_ls_shell.percent_reflns_R_free 
_refine_ls_shell.R_factor_all 
_refine_ls_shell.R_factor_obs 
_refine_ls_shell.R_factor_R_free_error 
_refine_ls_shell.R_factor_R_work 
_refine_ls_shell.redundancy_reflns_all 
_refine_ls_shell.redundancy_reflns_obs 
_refine_ls_shell.wR_factor_all 
_refine_ls_shell.wR_factor_obs 
_refine_ls_shell.wR_factor_R_free 
_refine_ls_shell.wR_factor_R_work 
_refine_ls_shell.pdbx_R_complete 
_refine_ls_shell.pdbx_total_number_of_bins_used 
_refine_ls_shell.pdbx_phase_error 
_refine_ls_shell.pdbx_fsc_work 
_refine_ls_shell.pdbx_fsc_free 
_refine_ls_shell.R_factor_R_free 
'X-RAY DIFFRACTION' 1.20 1.32  . . 132 1197 88.01 . . . . 0.3523 . . . . . . . . . . . 0.4123 
'X-RAY DIFFRACTION' 1.32 1.51  . . 142 1336 97.82 . . . . 0.2791 . . . . . . . . . . . 0.2837 
'X-RAY DIFFRACTION' 1.51 1.90  . . 139 1283 97.06 . . . . 0.2354 . . . . . . . . . . . 0.2278 
'X-RAY DIFFRACTION' 1.91 14.53 . . 146 1319 97.54 . . . . 0.1558 . . . . . . . . . . . 0.1887 
# 
_struct.entry_id                     8VPD 
_struct.title                        'UIC-11-BIF extension of UIC-1' 
_struct.pdbx_model_details           ? 
_struct.pdbx_formula_weight          ? 
_struct.pdbx_formula_weight_method   ? 
_struct.pdbx_model_type_details      ? 
_struct.pdbx_CASP_flag               N 
# 
_struct_keywords.entry_id        8VPD 
_struct_keywords.text            'synthetic construct, DE NOVO PROTEIN' 
_struct_keywords.pdbx_keywords   'DE NOVO PROTEIN' 
# 
loop_
_struct_asym.id 
_struct_asym.pdbx_blank_PDB_chainid_flag 
_struct_asym.pdbx_modified 
_struct_asym.entity_id 
_struct_asym.details 
A N N 1 ? 
B N N 2 ? 
C N N 3 ? 
# 
_struct_ref.id                         1 
_struct_ref.db_name                    PDB 
_struct_ref.db_code                    8VPD 
_struct_ref.pdbx_db_accession          8VPD 
_struct_ref.pdbx_db_isoform            ? 
_struct_ref.entity_id                  1 
_struct_ref.pdbx_seq_one_letter_code   ? 
_struct_ref.pdbx_align_begin           1 
# 
_struct_ref_seq.align_id                      1 
_struct_ref_seq.ref_id                        1 
_struct_ref_seq.pdbx_PDB_id_code              8VPD 
_struct_ref_seq.pdbx_strand_id                A 
_struct_ref_seq.seq_align_beg                 1 
_struct_ref_seq.pdbx_seq_align_beg_ins_code   ? 
_struct_ref_seq.seq_align_end                 13 
_struct_ref_seq.pdbx_seq_align_end_ins_code   ? 
_struct_ref_seq.pdbx_db_accession             8VPD 
_struct_ref_seq.db_align_beg                  1 
_struct_ref_seq.pdbx_db_align_beg_ins_code    ? 
_struct_ref_seq.db_align_end                  13 
_struct_ref_seq.pdbx_db_align_end_ins_code    ? 
_struct_ref_seq.pdbx_auth_seq_align_beg       1 
_struct_ref_seq.pdbx_auth_seq_align_end       13 
# 
_pdbx_struct_assembly.id                   1 
_pdbx_struct_assembly.details              author_defined_assembly 
_pdbx_struct_assembly.method_details       ? 
_pdbx_struct_assembly.oligomeric_details   monomeric 
_pdbx_struct_assembly.oligomeric_count     1 
# 
_pdbx_struct_assembly_gen.assembly_id       1 
_pdbx_struct_assembly_gen.oper_expression   1 
_pdbx_struct_assembly_gen.asym_id_list      A,B,C 
# 
_pdbx_struct_oper_list.id                   1 
_pdbx_struct_oper_list.type                 'identity operation' 
_pdbx_struct_oper_list.name                 1_555 
_pdbx_struct_oper_list.symmetry_operation   x,y,z 
_pdbx_struct_oper_list.matrix[1][1]         1.0000000000 
_pdbx_struct_oper_list.matrix[1][2]         0.0000000000 
_pdbx_struct_oper_list.matrix[1][3]         0.0000000000 
_pdbx_struct_oper_list.vector[1]            0.0000000000 
_pdbx_struct_oper_list.matrix[2][1]         0.0000000000 
_pdbx_struct_oper_list.matrix[2][2]         1.0000000000 
_pdbx_struct_oper_list.matrix[2][3]         0.0000000000 
_pdbx_struct_oper_list.vector[2]            0.0000000000 
_pdbx_struct_oper_list.matrix[3][1]         0.0000000000 
_pdbx_struct_oper_list.matrix[3][2]         0.0000000000 
_pdbx_struct_oper_list.matrix[3][3]         1.0000000000 
_pdbx_struct_oper_list.vector[3]            0.0000000000 
# 
_struct_conf.conf_type_id            HELX_P 
_struct_conf.id                      HELX_P1 
_struct_conf.pdbx_PDB_helix_id       AA1 
_struct_conf.beg_label_comp_id       ALA 
_struct_conf.beg_label_asym_id       A 
_struct_conf.beg_label_seq_id        2 
_struct_conf.pdbx_beg_PDB_ins_code   ? 
_struct_conf.end_label_comp_id       LEU 
_struct_conf.end_label_asym_id       A 
_struct_conf.end_label_seq_id        12 
_struct_conf.pdbx_end_PDB_ins_code   ? 
_struct_conf.beg_auth_comp_id        ALA 
_struct_conf.beg_auth_asym_id        A 
_struct_conf.beg_auth_seq_id         2 
_struct_conf.end_auth_comp_id        LEU 
_struct_conf.end_auth_asym_id        A 
_struct_conf.end_auth_seq_id         12 
_struct_conf.pdbx_PDB_helix_class    1 
_struct_conf.details                 ? 
_struct_conf.pdbx_PDB_helix_length   11 
# 
_struct_conf_type.id          HELX_P 
_struct_conf_type.criteria    ? 
_struct_conf_type.reference   ? 
# 
loop_
_struct_conn.id 
_struct_conn.conn_type_id 
_struct_conn.pdbx_leaving_atom_flag 
_struct_conn.pdbx_PDB_id 
_struct_conn.ptnr1_label_asym_id 
_struct_conn.ptnr1_label_comp_id 
_struct_conn.ptnr1_label_seq_id 
_struct_conn.ptnr1_label_atom_id 
_struct_conn.pdbx_ptnr1_label_alt_id 
_struct_conn.pdbx_ptnr1_PDB_ins_code 
_struct_conn.pdbx_ptnr1_standard_comp_id 
_struct_conn.ptnr1_symmetry 
_struct_conn.ptnr2_label_asym_id 
_struct_conn.ptnr2_label_comp_id 
_struct_conn.ptnr2_label_seq_id 
_struct_conn.ptnr2_label_atom_id 
_struct_conn.pdbx_ptnr2_label_alt_id 
_struct_conn.pdbx_ptnr2_PDB_ins_code 
_struct_conn.ptnr1_auth_asym_id 
_struct_conn.ptnr1_auth_comp_id 
_struct_conn.ptnr1_auth_seq_id 
_struct_conn.ptnr2_auth_asym_id 
_struct_conn.ptnr2_auth_comp_id 
_struct_conn.ptnr2_auth_seq_id 
_struct_conn.ptnr2_symmetry 
_struct_conn.pdbx_ptnr3_label_atom_id 
_struct_conn.pdbx_ptnr3_label_seq_id 
_struct_conn.pdbx_ptnr3_label_comp_id 
_struct_conn.pdbx_ptnr3_label_asym_id 
_struct_conn.pdbx_ptnr3_label_alt_id 
_struct_conn.pdbx_ptnr3_PDB_ins_code 
_struct_conn.details 
_struct_conn.pdbx_dist_value 
_struct_conn.pdbx_value_order 
_struct_conn.pdbx_role 
covale1  covale both ? A Z7Z 1  C1 ? ? ? 1_555 A ALA 2  N   ? ? A Z7Z 1  A ALA 2  1_555 ? ? ? ? ? ? ? 1.424 ? ? 
covale2  covale both ? A ALA 2  C  ? ? ? 1_555 A AIB 3  N   ? ? A ALA 2  A AIB 3  1_555 ? ? ? ? ? ? ? 1.329 ? ? 
covale3  covale both ? A AIB 3  C  ? ? ? 1_555 A LEU 4  N   A ? A AIB 3  A LEU 4  1_555 ? ? ? ? ? ? ? 1.326 ? ? 
covale4  covale both ? A AIB 3  C  ? ? ? 1_555 A LEU 4  N   B ? A AIB 3  A LEU 4  1_555 ? ? ? ? ? ? ? 1.331 ? ? 
covale5  covale both ? A LEU 4  C  A ? ? 1_555 A AIB 5  N   ? ? A LEU 4  A AIB 5  1_555 ? ? ? ? ? ? ? 1.333 ? ? 
covale6  covale both ? A LEU 4  C  B ? ? 1_555 A AIB 5  N   ? ? A LEU 4  A AIB 5  1_555 ? ? ? ? ? ? ? 1.332 ? ? 
covale7  covale both ? A AIB 5  C  ? ? ? 1_555 A ALA 6  N   ? ? A AIB 5  A ALA 6  1_555 ? ? ? ? ? ? ? 1.323 ? ? 
covale8  covale both ? A ALA 6  C  ? ? ? 1_555 A AIB 7  N   ? ? A ALA 6  A AIB 7  1_555 ? ? ? ? ? ? ? 1.327 ? ? 
covale9  covale both ? A AIB 7  C  ? ? ? 1_555 A LEU 8  N   ? ? A AIB 7  A LEU 8  1_555 ? ? ? ? ? ? ? 1.324 ? ? 
covale10 covale both ? A LEU 8  C  ? ? ? 1_555 A AIB 9  N   ? ? A LEU 8  A AIB 9  1_555 ? ? ? ? ? ? ? 1.332 ? ? 
covale11 covale both ? A AIB 9  C  ? ? ? 1_555 A GLN 10 N   ? ? A AIB 9  A GLN 10 1_555 ? ? ? ? ? ? ? 1.321 ? ? 
covale12 covale both ? A GLN 10 C  ? ? ? 1_555 A AIB 11 N   ? ? A GLN 10 A AIB 11 1_555 ? ? ? ? ? ? ? 1.328 ? ? 
covale13 covale both ? A AIB 11 C  ? ? ? 1_555 A LEU 12 N   ? ? A AIB 11 A LEU 12 1_555 ? ? ? ? ? ? ? 1.334 ? ? 
covale14 covale one  ? A LEU 12 C  ? ? ? 1_555 A I77 13 N15 ? ? A LEU 12 A I77 13 1_555 ? ? ? ? ? ? ? 1.417 ? ? 
# 
_struct_conn_type.id          covale 
_struct_conn_type.criteria    ? 
_struct_conn_type.reference   ? 
# 
_pdbx_entry_details.entry_id                   8VPD 
_pdbx_entry_details.has_ligand_of_interest     Y 
_pdbx_entry_details.compound_details           ? 
_pdbx_entry_details.source_details             ? 
_pdbx_entry_details.nonpolymer_details         ? 
_pdbx_entry_details.sequence_details           ? 
_pdbx_entry_details.has_protein_modification   ? 
# 
loop_
_space_group_symop.id 
_space_group_symop.operation_xyz 
1 x,y,z           
2 -x,y,-z         
3 x+1/2,y+1/2,z   
4 -x+1/2,y+1/2,-z 
# 
loop_
_pdbx_distant_solvent_atoms.id 
_pdbx_distant_solvent_atoms.PDB_model_num 
_pdbx_distant_solvent_atoms.auth_atom_id 
_pdbx_distant_solvent_atoms.label_alt_id 
_pdbx_distant_solvent_atoms.auth_asym_id 
_pdbx_distant_solvent_atoms.auth_comp_id 
_pdbx_distant_solvent_atoms.auth_seq_id 
_pdbx_distant_solvent_atoms.PDB_ins_code 
_pdbx_distant_solvent_atoms.neighbor_macromolecule_distance 
_pdbx_distant_solvent_atoms.neighbor_ligand_distance 
1 1 O ? A HOH 209 ? 7.43 . 
2 1 O ? A HOH 210 ? 9.66 . 
# 
loop_
_chem_comp_atom.comp_id 
_chem_comp_atom.atom_id 
_chem_comp_atom.type_symbol 
_chem_comp_atom.pdbx_aromatic_flag 
_chem_comp_atom.pdbx_stereo_config 
_chem_comp_atom.pdbx_ordinal 
AIB N    N N N 1   
AIB CA   C N N 2   
AIB C    C N N 3   
AIB O    O N N 4   
AIB OXT  O N N 5   
AIB CB1  C N N 6   
AIB CB2  C N N 7   
AIB H    H N N 8   
AIB H2   H N N 9   
AIB HXT  H N N 10  
AIB HB11 H N N 11  
AIB HB12 H N N 12  
AIB HB13 H N N 13  
AIB HB21 H N N 14  
AIB HB22 H N N 15  
AIB HB23 H N N 16  
ALA N    N N N 17  
ALA CA   C N S 18  
ALA C    C N N 19  
ALA O    O N N 20  
ALA CB   C N N 21  
ALA OXT  O N N 22  
ALA H    H N N 23  
ALA H2   H N N 24  
ALA HA   H N N 25  
ALA HB1  H N N 26  
ALA HB2  H N N 27  
ALA HB3  H N N 28  
ALA HXT  H N N 29  
CCN N    N N N 30  
CCN C1   C N N 31  
CCN C2   C N N 32  
CCN H21  H N N 33  
CCN H22  H N N 34  
CCN H23  H N N 35  
GLN N    N N N 36  
GLN CA   C N S 37  
GLN C    C N N 38  
GLN O    O N N 39  
GLN CB   C N N 40  
GLN CG   C N N 41  
GLN CD   C N N 42  
GLN OE1  O N N 43  
GLN NE2  N N N 44  
GLN OXT  O N N 45  
GLN H    H N N 46  
GLN H2   H N N 47  
GLN HA   H N N 48  
GLN HB2  H N N 49  
GLN HB3  H N N 50  
GLN HG2  H N N 51  
GLN HG3  H N N 52  
GLN HE21 H N N 53  
GLN HE22 H N N 54  
GLN HXT  H N N 55  
HOH O    O N N 56  
HOH H1   H N N 57  
HOH H2   H N N 58  
I77 C11  C Y N 59  
I77 C12  C Y N 60  
I77 C13  C N N 61  
I77 C17  C Y N 62  
I77 C18  C Y N 63  
I77 C02  C N N 64  
I77 C03  C Y N 65  
I77 C04  C Y N 66  
I77 C05  C Y N 67  
I77 C06  C Y N 68  
I77 C08  C Y N 69  
I77 C09  C Y N 70  
I77 N01  N N N 71  
I77 N07  N Y N 72  
I77 N10  N Y N 73  
I77 N14  N N N 74  
I77 N15  N N N 75  
I77 O16  O N N 76  
I77 O19  O N N 77  
I77 H111 H N N 78  
I77 H171 H N N 79  
I77 H181 H N N 80  
I77 H041 H N N 81  
I77 H051 H N N 82  
I77 H061 H N N 83  
I77 H011 H N N 84  
I77 H012 H N N 85  
I77 H141 H N N 86  
I77 H1   H N N 87  
I77 H2   H N N 88  
LEU N    N N N 89  
LEU CA   C N S 90  
LEU C    C N N 91  
LEU O    O N N 92  
LEU CB   C N N 93  
LEU CG   C N N 94  
LEU CD1  C N N 95  
LEU CD2  C N N 96  
LEU OXT  O N N 97  
LEU H    H N N 98  
LEU H2   H N N 99  
LEU HA   H N N 100 
LEU HB2  H N N 101 
LEU HB3  H N N 102 
LEU HG   H N N 103 
LEU HD11 H N N 104 
LEU HD12 H N N 105 
LEU HD13 H N N 106 
LEU HD21 H N N 107 
LEU HD22 H N N 108 
LEU HD23 H N N 109 
LEU HXT  H N N 110 
Z7Z O1   O N N 111 
Z7Z C1   C N N 112 
Z7Z O2   O N N 113 
Z7Z C2   C Y N 114 
Z7Z C3   C Y N 115 
Z7Z C4   C Y N 116 
Z7Z C5   C Y N 117 
Z7Z C6   C Y N 118 
Z7Z C7   C Y N 119 
Z7Z C8   C Y N 120 
Z7Z C9   C Y N 121 
Z7Z C10  C Y N 122 
Z7Z C11  C Y N 123 
Z7Z C12  C Y N 124 
Z7Z C13  C Y N 125 
Z7Z H1O  H N N 126 
Z7Z H31  H N N 127 
Z7Z H41  H N N 128 
Z7Z H51  H N N 129 
Z7Z H61  H N N 130 
Z7Z H91  H N N 131 
Z7Z H101 H N N 132 
Z7Z H111 H N N 133 
Z7Z H121 H N N 134 
Z7Z H131 H N N 135 
# 
loop_
_chem_comp_bond.comp_id 
_chem_comp_bond.atom_id_1 
_chem_comp_bond.atom_id_2 
_chem_comp_bond.value_order 
_chem_comp_bond.pdbx_aromatic_flag 
_chem_comp_bond.pdbx_stereo_config 
_chem_comp_bond.pdbx_ordinal 
AIB N   CA   sing N N 1   
AIB N   H    sing N N 2   
AIB N   H2   sing N N 3   
AIB CA  C    sing N N 4   
AIB CA  CB1  sing N N 5   
AIB CA  CB2  sing N N 6   
AIB C   O    doub N N 7   
AIB C   OXT  sing N N 8   
AIB OXT HXT  sing N N 9   
AIB CB1 HB11 sing N N 10  
AIB CB1 HB12 sing N N 11  
AIB CB1 HB13 sing N N 12  
AIB CB2 HB21 sing N N 13  
AIB CB2 HB22 sing N N 14  
AIB CB2 HB23 sing N N 15  
ALA N   CA   sing N N 16  
ALA N   H    sing N N 17  
ALA N   H2   sing N N 18  
ALA CA  C    sing N N 19  
ALA CA  CB   sing N N 20  
ALA CA  HA   sing N N 21  
ALA C   O    doub N N 22  
ALA C   OXT  sing N N 23  
ALA CB  HB1  sing N N 24  
ALA CB  HB2  sing N N 25  
ALA CB  HB3  sing N N 26  
ALA OXT HXT  sing N N 27  
CCN N   C1   trip N N 28  
CCN C1  C2   sing N N 29  
CCN C2  H21  sing N N 30  
CCN C2  H22  sing N N 31  
CCN C2  H23  sing N N 32  
GLN N   CA   sing N N 33  
GLN N   H    sing N N 34  
GLN N   H2   sing N N 35  
GLN CA  C    sing N N 36  
GLN CA  CB   sing N N 37  
GLN CA  HA   sing N N 38  
GLN C   O    doub N N 39  
GLN C   OXT  sing N N 40  
GLN CB  CG   sing N N 41  
GLN CB  HB2  sing N N 42  
GLN CB  HB3  sing N N 43  
GLN CG  CD   sing N N 44  
GLN CG  HG2  sing N N 45  
GLN CG  HG3  sing N N 46  
GLN CD  OE1  doub N N 47  
GLN CD  NE2  sing N N 48  
GLN NE2 HE21 sing N N 49  
GLN NE2 HE22 sing N N 50  
GLN OXT HXT  sing N N 51  
HOH O   H1   sing N N 52  
HOH O   H2   sing N N 53  
I77 N15 N14  sing N N 54  
I77 O16 C13  doub N N 55  
I77 N14 C13  sing N N 56  
I77 C13 C12  sing N N 57  
I77 C12 C17  doub Y N 58  
I77 C12 C11  sing Y N 59  
I77 C17 C18  sing Y N 60  
I77 C11 N10  doub Y N 61  
I77 C18 C09  doub Y N 62  
I77 N10 C09  sing Y N 63  
I77 C09 C08  sing N N 64  
I77 C08 N07  doub Y N 65  
I77 C08 C05  sing Y N 66  
I77 N07 C06  sing Y N 67  
I77 C05 C04  doub Y N 68  
I77 C06 C03  doub Y N 69  
I77 C04 C03  sing Y N 70  
I77 C03 C02  sing N N 71  
I77 C02 N01  sing N N 72  
I77 C02 O19  doub N N 73  
I77 C11 H111 sing N N 74  
I77 C17 H171 sing N N 75  
I77 C18 H181 sing N N 76  
I77 C04 H041 sing N N 77  
I77 C05 H051 sing N N 78  
I77 C06 H061 sing N N 79  
I77 N01 H011 sing N N 80  
I77 N01 H012 sing N N 81  
I77 N14 H141 sing N N 82  
I77 N15 H1   sing N N 83  
I77 N15 H2   sing N N 84  
LEU N   CA   sing N N 85  
LEU N   H    sing N N 86  
LEU N   H2   sing N N 87  
LEU CA  C    sing N N 88  
LEU CA  CB   sing N N 89  
LEU CA  HA   sing N N 90  
LEU C   O    doub N N 91  
LEU C   OXT  sing N N 92  
LEU CB  CG   sing N N 93  
LEU CB  HB2  sing N N 94  
LEU CB  HB3  sing N N 95  
LEU CG  CD1  sing N N 96  
LEU CG  CD2  sing N N 97  
LEU CG  HG   sing N N 98  
LEU CD1 HD11 sing N N 99  
LEU CD1 HD12 sing N N 100 
LEU CD1 HD13 sing N N 101 
LEU CD2 HD21 sing N N 102 
LEU CD2 HD22 sing N N 103 
LEU CD2 HD23 sing N N 104 
LEU OXT HXT  sing N N 105 
Z7Z O1  C1   sing N N 106 
Z7Z O1  H1O  sing N N 107 
Z7Z C1  O2   doub N N 108 
Z7Z C1  C2   sing N N 109 
Z7Z C2  C3   doub Y N 110 
Z7Z C2  C5   sing Y N 111 
Z7Z C3  C4   sing Y N 112 
Z7Z C3  H31  sing N N 113 
Z7Z C4  C7   doub Y N 114 
Z7Z C4  H41  sing N N 115 
Z7Z C5  C6   doub Y N 116 
Z7Z C5  H51  sing N N 117 
Z7Z C6  C7   sing Y N 118 
Z7Z C6  H61  sing N N 119 
Z7Z C7  C8   sing N N 120 
Z7Z C8  C9   doub Y N 121 
Z7Z C8  C10  sing Y N 122 
Z7Z C9  C11  sing Y N 123 
Z7Z C9  H91  sing N N 124 
Z7Z C10 C12  doub Y N 125 
Z7Z C10 H101 sing N N 126 
Z7Z C11 C13  doub Y N 127 
Z7Z C11 H111 sing N N 128 
Z7Z C12 C13  sing Y N 129 
Z7Z C12 H121 sing N N 130 
Z7Z C13 H131 sing N N 131 
# 
_pdbx_audit_support.funding_organization   'Department of Energy (DOE, United States)' 
_pdbx_audit_support.country                'United States' 
_pdbx_audit_support.grant_number           DE-AC02-06CH11357 
_pdbx_audit_support.ordinal                1 
# 
_pdbx_initial_refinement_model.id               1 
_pdbx_initial_refinement_model.entity_id_list   ? 
_pdbx_initial_refinement_model.type             'experimental model' 
_pdbx_initial_refinement_model.source_name      PDB 
_pdbx_initial_refinement_model.accession_code   8GK9 
_pdbx_initial_refinement_model.details          ? 
# 
_space_group.name_H-M_alt     'C 1 2 1' 
_space_group.name_Hall        'C 2y' 
_space_group.IT_number        5 
_space_group.crystal_system   monoclinic 
_space_group.id               1 
# 
_atom_sites.entry_id                    8VPD 
_atom_sites.Cartn_transf_matrix[1][1]   ? 
_atom_sites.Cartn_transf_matrix[1][2]   ? 
_atom_sites.Cartn_transf_matrix[1][3]   ? 
_atom_sites.Cartn_transf_matrix[2][1]   ? 
_atom_sites.Cartn_transf_matrix[2][2]   ? 
_atom_sites.Cartn_transf_matrix[2][3]   ? 
_atom_sites.Cartn_transf_matrix[3][1]   ? 
_atom_sites.Cartn_transf_matrix[3][2]   ? 
_atom_sites.Cartn_transf_matrix[3][3]   ? 
_atom_sites.Cartn_transf_vector[1]      ? 
_atom_sites.Cartn_transf_vector[2]      ? 
_atom_sites.Cartn_transf_vector[3]      ? 
_atom_sites.Cartn_transform_axes        ? 
_atom_sites.fract_transf_matrix[1][1]   0.00816283 
_atom_sites.fract_transf_matrix[1][2]   0.02493865 
_atom_sites.fract_transf_matrix[1][3]   -0.01091766 
_atom_sites.fract_transf_matrix[2][1]   -0.10493842 
_atom_sites.fract_transf_matrix[2][2]   0.01660219 
_atom_sites.fract_transf_matrix[2][3]   -0.04053601 
_atom_sites.fract_transf_matrix[3][1]   -0.00407192 
_atom_sites.fract_transf_matrix[3][2]   0.02660687 
_atom_sites.fract_transf_matrix[3][3]   0.02143854 
_atom_sites.fract_transf_vector[1]      0.192882 
_atom_sites.fract_transf_vector[2]      -0.228545 
_atom_sites.fract_transf_vector[3]      0.210009 
_atom_sites.solution_primary            ? 
_atom_sites.solution_secondary          ? 
_atom_sites.solution_hydrogens          ? 
_atom_sites.special_details             ? 
# 
loop_
_atom_type.symbol 
_atom_type.scat_dispersion_real 
_atom_type.scat_dispersion_imag 
_atom_type.scat_Cromer_Mann_a1 
_atom_type.scat_Cromer_Mann_a2 
_atom_type.scat_Cromer_Mann_a3 
_atom_type.scat_Cromer_Mann_a4 
_atom_type.scat_Cromer_Mann_b1 
_atom_type.scat_Cromer_Mann_b2 
_atom_type.scat_Cromer_Mann_b3 
_atom_type.scat_Cromer_Mann_b4 
_atom_type.scat_Cromer_Mann_c 
_atom_type.scat_source 
_atom_type.scat_dispersion_source 
C ? ? 3.54356 2.42580 ? ? 25.62398 1.50364 ? ? 0.0 
;2-Gaussian fit: Grosse-Kunstleve RW, Sauter NK, Adams PD: Newsletter of the IUCr Commission on Crystallographic Computing 2004, 3, 22-31.
;
? 
H ? ? 0.51345 0.48472 ? ? 24.73122 6.32584 ? ? 0.0 
;2-Gaussian fit: Grosse-Kunstleve RW, Sauter NK, Adams PD: Newsletter of the IUCr Commission on Crystallographic Computing 2004, 3, 22-31.
;
? 
N ? ? 4.01032 2.96436 ? ? 19.97189 1.75589 ? ? 0.0 
;2-Gaussian fit: Grosse-Kunstleve RW, Sauter NK, Adams PD: Newsletter of the IUCr Commission on Crystallographic Computing 2004, 3, 22-31.
;
? 
O ? ? 4.49882 3.47563 ? ? 15.80542 1.70748 ? ? 0.0 
;2-Gaussian fit: Grosse-Kunstleve RW, Sauter NK, Adams PD: Newsletter of the IUCr Commission on Crystallographic Computing 2004, 3, 22-31.
;
? 
# 
loop_
_atom_site.group_PDB 
_atom_site.id 
_atom_site.type_symbol 
_atom_site.label_atom_id 
_atom_site.label_alt_id 
_atom_site.label_comp_id 
_atom_site.label_asym_id 
_atom_site.label_entity_id 
_atom_site.label_seq_id 
_atom_site.pdbx_PDB_ins_code 
_atom_site.Cartn_x 
_atom_site.Cartn_y 
_atom_site.Cartn_z 
_atom_site.occupancy 
_atom_site.B_iso_or_equiv 
_atom_site.pdbx_formal_charge 
_atom_site.auth_seq_id 
_atom_site.auth_comp_id 
_atom_site.auth_asym_id 
_atom_site.auth_atom_id 
_atom_site.pdbx_PDB_model_num 
HETATM 1   O O1   . Z7Z A 1 1  ? 3.44286  2.13568  -5.47673  1.000 11.02277 ? 1   Z7Z A O1   1 
HETATM 2   C C1   . Z7Z A 1 1  ? 4.22215  2.89802  -6.08310  1.000 10.42988 ? 1   Z7Z A C1   1 
HETATM 3   C C2   . Z7Z A 1 1  ? 4.62643  2.53843  -7.48947  1.000 10.31665 ? 1   Z7Z A C2   1 
HETATM 4   C C3   . Z7Z A 1 1  ? 3.92921  1.58361  -8.20013  1.000 11.67668 ? 1   Z7Z A C3   1 
HETATM 5   C C4   . Z7Z A 1 1  ? 4.31195  1.24973  -9.48039  1.000 11.96427 ? 1   Z7Z A C4   1 
HETATM 6   C C5   . Z7Z A 1 1  ? 5.70770  3.17006  -8.05924  1.000 10.54879 ? 1   Z7Z A C5   1 
HETATM 7   C C6   . Z7Z A 1 1  ? 6.08643  2.83221  -9.33558  1.000 10.83695 ? 1   Z7Z A C6   1 
HETATM 8   C C7   . Z7Z A 1 1  ? 5.38992  1.87428  -10.04544 1.000 11.12662 ? 1   Z7Z A C7   1 
HETATM 9   C C8   . Z7Z A 1 1  ? 5.79386  1.51380  -11.45743 1.000 10.16824 ? 1   Z7Z A C8   1 
HETATM 10  C C9   . Z7Z A 1 1  ? 6.27658  2.49684  -12.30354 1.000 9.99113  ? 1   Z7Z A C9   1 
HETATM 11  C C10  . Z7Z A 1 1  ? 5.65072  0.20051  -11.86713 1.000 10.73274 ? 1   Z7Z A C10  1 
HETATM 12  C C11  . Z7Z A 1 1  ? 6.62577  2.16202  -13.59850 1.000 10.47955 ? 1   Z7Z A C11  1 
HETATM 13  C C12  . Z7Z A 1 1  ? 6.00093  -0.11246 -13.17426 1.000 10.58521 ? 1   Z7Z A C12  1 
HETATM 14  C C13  . Z7Z A 1 1  ? 6.50839  0.85796  -14.02420 1.000 9.90235  ? 1   Z7Z A C13  1 
HETATM 15  H H31  . Z7Z A 1 1  ? 3.07555  1.09345  -7.74858  1.000 14.03014 ? 1   Z7Z A H31  1 
HETATM 16  H H41  . Z7Z A 1 1  ? 3.76373  0.49856  -10.03543 1.000 14.37525 ? 1   Z7Z A H41  1 
HETATM 17  H H51  . Z7Z A 1 1  ? 6.25407  3.92512  -7.50764  1.000 12.67668 ? 1   Z7Z A H51  1 
HETATM 18  H H61  . Z7Z A 1 1  ? 6.93928  3.32171  -9.78939  1.000 13.02246 ? 1   Z7Z A H61  1 
HETATM 19  H H91  . Z7Z A 1 1  ? 6.37961  3.51704  -11.95504 1.000 12.00748 ? 1   Z7Z A H91  1 
HETATM 20  H H101 . Z7Z A 1 1  ? 5.27782  -0.55883 -11.19093 1.000 12.89742 ? 1   Z7Z A H101 1 
HETATM 21  H H111 . Z7Z A 1 1  ? 6.99077  2.92360  -14.27647 1.000 12.59358 ? 1   Z7Z A H111 1 
HETATM 22  H H121 . Z7Z A 1 1  ? 5.87610  -1.12645 -13.53362 1.000 12.72038 ? 1   Z7Z A H121 1 
HETATM 23  H H131 . Z7Z A 1 1  ? 6.81393  0.58906  -15.02780 1.000 11.90095 ? 1   Z7Z A H131 1 
ATOM   24  N N    . ALA A 1 2  ? 4.47294  4.22024  -5.61717  1.000 10.29817 ? 2   ALA A N    1 
ATOM   25  C CA   . ALA A 1 2  ? 4.22608  4.53469  -4.22600  1.000 10.53323 ? 2   ALA A CA   1 
ATOM   26  C C    . ALA A 1 2  ? 2.79101  4.23229  -3.78969  1.000 10.09283 ? 2   ALA A C    1 
ATOM   27  O O    . ALA A 1 2  ? 2.54443  3.67334  -2.70845  1.000 9.89642  ? 2   ALA A O    1 
ATOM   28  C CB   . ALA A 1 2  ? 4.54895  5.97580  -3.97782  1.000 9.77839  ? 2   ALA A CB   1 
ATOM   29  H H    . ALA A 1 2  ? 5.18034  4.58843  -5.93275  1.000 12.37593 ? 2   ALA A H    1 
ATOM   30  H HA   . ALA A 1 2  ? 4.80137  3.97335  -3.68303  1.000 12.65800 ? 2   ALA A HA   1 
ATOM   31  H HB1  . ALA A 1 2  ? 4.22797  6.22416  -3.09680  1.000 11.75219 ? 2   ALA A HB1  1 
ATOM   32  H HB2  . ALA A 1 2  ? 5.51015  6.09691  -4.02596  1.000 11.75219 ? 2   ALA A HB2  1 
ATOM   33  H HB3  . ALA A 1 2  ? 4.11297  6.51804  -4.65370  1.000 11.75219 ? 2   ALA A HB3  1 
HETATM 34  N N    . AIB A 1 3  ? 1.83748  4.58678  -4.64476  1.000 10.23745 ? 3   AIB A N    1 
HETATM 35  C CA   . AIB A 1 3  ? 0.43131  4.47488  -4.32109  1.000 10.60401 ? 3   AIB A CA   1 
HETATM 36  C C    . AIB A 1 3  ? 0.08883  3.03771  -3.93437  1.000 10.45111 ? 3   AIB A C    1 
HETATM 37  O O    . AIB A 1 3  ? -0.58599 2.73354  -2.93915  1.000 10.52750 ? 3   AIB A O    1 
HETATM 38  C CB1  . AIB A 1 3  ? 0.02268  5.39160  -3.16314  1.000 10.70184 ? 3   AIB A CB1  1 
HETATM 39  C CB2  . AIB A 1 3  ? -0.44249 4.77391  -5.53746  1.000 10.92270 ? 3   AIB A CB2  1 
HETATM 40  H H    . AIB A 1 3  ? 1.95790  4.61969  -5.63795  1.000 12.30307 ? 3   AIB A H    1 
HETATM 41  H HB11 . AIB A 1 3  ? 0.65073  5.16968  -2.26773  1.000 12.86034 ? 3   AIB A HB11 1 
HETATM 42  H HB12 . AIB A 1 3  ? -1.05102 5.22252  -2.91009  1.000 12.86034 ? 3   AIB A HB12 1 
HETATM 43  H HB13 . AIB A 1 3  ? 0.16724  6.45810  -3.45835  1.000 12.86034 ? 3   AIB A HB13 1 
HETATM 44  H HB21 . AIB A 1 3  ? -0.21345 4.03364  -6.34197  1.000 13.12537 ? 3   AIB A HB21 1 
HETATM 45  H HB22 . AIB A 1 3  ? -0.22305 5.80777  -5.89892  1.000 13.12537 ? 3   AIB A HB22 1 
HETATM 46  H HB23 . AIB A 1 3  ? -1.51706 4.69456  -5.24302  1.000 13.12537 ? 3   AIB A HB23 1 
ATOM   47  N N    A LEU A 1 4  ? 0.58567  2.13446  -4.76846  0.470 10.50035 ? 4   LEU A N    1 
ATOM   48  N N    B LEU A 1 4  ? 0.56109  2.11759  -4.77181  0.530 12.43281 ? 4   LEU A N    1 
ATOM   49  C CA   A LEU A 1 4  ? 0.38267  0.71147  -4.58312  0.470 11.07919 ? 4   LEU A CA   1 
ATOM   50  C CA   B LEU A 1 4  ? 0.35692  0.69176  -4.53896  0.530 12.27627 ? 4   LEU A CA   1 
ATOM   51  C C    A LEU A 1 4  ? 1.08939  0.21211  -3.31458  0.470 10.96104 ? 4   LEU A C    1 
ATOM   52  C C    B LEU A 1 4  ? 1.08421  0.21957  -3.28111  0.530 11.30361 ? 4   LEU A C    1 
ATOM   53  O O    A LEU A 1 4  ? 0.49873  -0.51454 -2.51257  0.470 10.80538 ? 4   LEU A O    1 
ATOM   54  O O    B LEU A 1 4  ? 0.50474  -0.49100 -2.45527  0.530 12.25719 ? 4   LEU A O    1 
ATOM   55  C CB   A LEU A 1 4  ? 0.90245  -0.02858 -5.81193  0.470 12.42979 ? 4   LEU A CB   1 
ATOM   56  C CB   B LEU A 1 4  ? 0.83679  -0.12294 -5.73992  0.530 13.35753 ? 4   LEU A CB   1 
ATOM   57  C CG   A LEU A 1 4  ? 0.20547  -1.30482 -6.26639  0.470 14.84485 ? 4   LEU A CG   1 
ATOM   58  C CG   B LEU A 1 4  ? 0.14277  0.09922  -7.08710  0.530 15.32804 ? 4   LEU A CG   1 
ATOM   59  C CD1  A LEU A 1 4  ? 0.55910  -1.61148 -7.71054  0.470 14.85499 ? 4   LEU A CD1  1 
ATOM   60  C CD1  B LEU A 1 4  ? 0.51065  -1.00540 -8.06191  0.530 18.68848 ? 4   LEU A CD1  1 
ATOM   61  C CD2  A LEU A 1 4  ? 0.59728  -2.46067 -5.36474  0.470 17.57414 ? 4   LEU A CD2  1 
ATOM   62  C CD2  B LEU A 1 4  ? -1.34258 0.15162  -6.91956  0.530 16.90150 ? 4   LEU A CD2  1 
ATOM   63  H H    A LEU A 1 4  ? 1.05371  2.32744  -5.46364  0.470 12.61854 ? 4   LEU A H    1 
ATOM   64  H H    B LEU A 1 4  ? 1.00569  2.29514  -5.48623  0.530 14.93750 ? 4   LEU A H    1 
ATOM   65  H HA   A LEU A 1 4  ? -0.56258 0.52057  -4.47845  0.470 13.31316 ? 4   LEU A HA   1 
ATOM   66  H HA   B LEU A 1 4  ? -0.59247 0.53478  -4.41684  0.530 14.74965 ? 4   LEU A HA   1 
ATOM   67  H HB2  A LEU A 1 4  ? 0.85844  0.58712  -6.56018  0.470 14.93388 ? 4   LEU A HB2  1 
ATOM   68  H HB2  B LEU A 1 4  ? 1.77619  0.07765  -5.87480  0.530 16.04716 ? 4   LEU A HB2  1 
ATOM   69  H HB3  A LEU A 1 4  ? 1.82506  -0.27023 -5.63496  0.470 14.93388 ? 4   LEU A HB3  1 
ATOM   70  H HB3  B LEU A 1 4  ? 0.72599  -1.06155 -5.52163  0.530 16.04716 ? 4   LEU A HB3  1 
ATOM   71  H HG   A LEU A 1 4  ? -0.75563 -1.18635 -6.21021  0.470 17.83194 ? 4   LEU A HG   1 
ATOM   72  H HG   B LEU A 1 4  ? 0.43943  0.94842  -7.45008  0.530 18.41177 ? 4   LEU A HG   1 
ATOM   73  H HD11 A LEU A 1 4  ? 0.12114  -2.43567 -7.97475  0.470 17.84411 ? 4   LEU A HD11 1 
ATOM   74  H HD11 B LEU A 1 4  ? 0.08957  -0.82519 -8.91696  0.530 22.44431 ? 4   LEU A HD11 1 
ATOM   75  H HD12 A LEU A 1 4  ? 0.25564  -0.88097 -8.27194  0.470 17.84411 ? 4   LEU A HD12 1 
ATOM   76  H HD12 B LEU A 1 4  ? 1.47482  -1.02659 -8.16596  0.530 22.44431 ? 4   LEU A HD12 1 
ATOM   77  H HD13 A LEU A 1 4  ? 1.52120  -1.70917 -7.78618  0.470 17.84411 ? 4   LEU A HD13 1 
ATOM   78  H HD13 B LEU A 1 4  ? 0.19709  -1.85361 -7.71102  0.530 22.44431 ? 4   LEU A HD13 1 
ATOM   79  H HD21 A LEU A 1 4  ? 0.15808  -3.26738 -5.67657  0.470 21.10709 ? 4   LEU A HD21 1 
ATOM   80  H HD21 B LEU A 1 4  ? -1.76213 0.05111  -7.78833  0.530 20.29992 ? 4   LEU A HD21 1 
ATOM   81  H HD22 A LEU A 1 4  ? 1.56002  -2.57443 -5.39747  0.470 21.10709 ? 4   LEU A HD22 1 
ATOM   82  H HD22 B LEU A 1 4  ? -1.61985 -0.56941 -6.33293  0.530 20.29992 ? 4   LEU A HD22 1 
ATOM   83  H HD23 A LEU A 1 4  ? 0.31835  -2.26187 -4.45723  0.470 21.10709 ? 4   LEU A HD23 1 
ATOM   84  H HD23 B LEU A 1 4  ? -1.58663 1.00637  -6.53127  0.530 20.29992 ? 4   LEU A HD23 1 
HETATM 85  N N    . AIB A 1 5  ? 2.35388  0.60155  -3.15009  1.000 10.48444 ? 5   AIB A N    1 
HETATM 86  C CA   . AIB A 1 5  ? 3.16433  0.19422  -2.00974  1.000 10.87742 ? 5   AIB A CA   1 
HETATM 87  C C    . AIB A 1 5  ? 2.46263  0.52694  -0.67252  1.000 10.00543 ? 5   AIB A C    1 
HETATM 88  O O    . AIB A 1 5  ? 2.28814  -0.26523 0.25264   1.000 9.49944  ? 5   AIB A O    1 
HETATM 89  C CB1  . AIB A 1 5  ? 3.41779  -1.32464 -2.07731  1.000 10.12935 ? 5   AIB A CB1  1 
HETATM 90  C CB2  . AIB A 1 5  ? 4.50885  0.94348  -2.01928  1.000 10.45667 ? 5   AIB A CB2  1 
HETATM 91  H H    . AIB A 1 5  ? 2.74336  1.41903  -3.57674  1.000 12.59946 ? 5   AIB A H    1 
HETATM 92  H HB11 . AIB A 1 5  ? 4.16423  -1.61657 -1.30075  1.000 12.17334 ? 5   AIB A HB11 1 
HETATM 93  H HB12 . AIB A 1 5  ? 2.46361  -1.87394 -1.89490  1.000 12.17334 ? 5   AIB A HB12 1 
HETATM 94  H HB13 . AIB A 1 5  ? 3.81119  -1.59607 -3.08578  1.000 12.17334 ? 5   AIB A HB13 1 
HETATM 95  H HB21 . AIB A 1 5  ? 4.38770  1.91704  -1.48523  1.000 12.56613 ? 5   AIB A HB21 1 
HETATM 96  H HB22 . AIB A 1 5  ? 5.27772  0.31971  -1.50215  1.000 12.56613 ? 5   AIB A HB22 1 
HETATM 97  H HB23 . AIB A 1 5  ? 4.81700  1.12639  -3.07724  1.000 12.56613 ? 5   AIB A HB23 1 
ATOM   98  N N    . ALA A 1 6  ? 2.01833  1.77194  -0.61331  1.000 10.06186 ? 6   ALA A N    1 
ATOM   99  C CA   . ALA A 1 6  ? 1.36426  2.30567  0.58896   1.000 10.45102 ? 6   ALA A CA   1 
ATOM   100 C C    . ALA A 1 6  ? 0.02521  1.63642  0.83078   1.000 10.23986 ? 6   ALA A C    1 
ATOM   101 O O    . ALA A 1 6  ? -0.29141 1.25362  1.95119   1.000 10.03238 ? 6   ALA A O    1 
ATOM   102 C CB   . ALA A 1 6  ? 1.19287  3.79356  0.50025   1.000 10.84590 ? 6   ALA A CB   1 
ATOM   103 H H    . ALA A 1 6  ? 2.08022  2.33886  -1.25704  1.000 12.09236 ? 6   ALA A H    1 
ATOM   104 H HA   . ALA A 1 6  ? 1.93749  2.12090  1.34933   1.000 12.55936 ? 6   ALA A HA   1 
ATOM   105 H HB1  . ALA A 1 6  ? 2.05727  4.20177  0.33576   1.000 13.03321 ? 6   ALA A HB1  1 
ATOM   106 H HB2  . ALA A 1 6  ? 0.58618  3.99868  -0.22828  1.000 13.03321 ? 6   ALA A HB2  1 
ATOM   107 H HB3  . ALA A 1 6  ? 0.82691  4.11975  1.33726   1.000 13.03321 ? 6   ALA A HB3  1 
HETATM 108 N N    . AIB A 1 7  ? -0.77491 1.50468  -0.21988  1.000 10.07183 ? 7   AIB A N    1 
HETATM 109 C CA   . AIB A 1 7  ? -2.12698 0.97273  -0.06584  1.000 10.56501 ? 7   AIB A CA   1 
HETATM 110 C C    . AIB A 1 7  ? -2.02091 -0.44987 0.54428   1.000 10.58294 ? 7   AIB A C    1 
HETATM 111 O O    . AIB A 1 7  ? -2.72047 -0.91544 1.45917   1.000 10.28257 ? 7   AIB A O    1 
HETATM 112 C CB1  . AIB A 1 7  ? -2.87816 1.91400  0.89541   1.000 10.87599 ? 7   AIB A CB1  1 
HETATM 113 C CB2  . AIB A 1 7  ? -2.83008 0.89936  -1.41726  1.000 9.85505  ? 7   AIB A CB2  1 
HETATM 114 H H    . AIB A 1 7  ? -0.46206 1.41677  -1.16667  1.000 12.10432 ? 7   AIB A H    1 
HETATM 115 H HB11 . AIB A 1 7  ? -3.95615 1.96083  0.61049   1.000 13.06931 ? 7   AIB A HB11 1 
HETATM 116 H HB12 . AIB A 1 7  ? -2.79043 1.53279  1.94060   1.000 13.06931 ? 7   AIB A HB12 1 
HETATM 117 H HB13 . AIB A 1 7  ? -2.43836 2.93817  0.83955   1.000 13.06931 ? 7   AIB A HB13 1 
HETATM 118 H HB21 . AIB A 1 7  ? -2.28518 0.17792  -2.07324  1.000 11.84419 ? 7   AIB A HB21 1 
HETATM 119 H HB22 . AIB A 1 7  ? -3.88104 0.55372  -1.26337  1.000 11.84419 ? 7   AIB A HB22 1 
HETATM 120 H HB23 . AIB A 1 7  ? -2.82846 1.91379  -1.88483  1.000 11.84419 ? 7   AIB A HB23 1 
ATOM   121 N N    . LEU A 1 8  ? -1.07514 -1.18759 -0.01671  1.000 10.57349 ? 8   LEU A N    1 
ATOM   122 C CA   . LEU A 1 8  ? -0.81657 -2.53946 0.44332   1.000 11.02305 ? 8   LEU A CA   1 
ATOM   123 C C    . LEU A 1 8  ? -0.36350 -2.57019 1.90019   1.000 10.90407 ? 8   LEU A C    1 
ATOM   124 O O    . LEU A 1 8  ? -0.79564 -3.42097 2.67012   1.000 11.20256 ? 8   LEU A O    1 
ATOM   125 C CB   . LEU A 1 8  ? 0.28292  -3.16869 -0.40339  1.000 11.77627 ? 8   LEU A CB   1 
ATOM   126 C CG   . LEU A 1 8  ? 0.69231  -4.60720 -0.09151  1.000 12.56478 ? 8   LEU A CG   1 
ATOM   127 C CD1  . LEU A 1 8  ? -0.48679 -5.54474 -0.01469  1.000 12.57611 ? 8   LEU A CD1  1 
ATOM   128 C CD2  . LEU A 1 8  ? 1.65436  -5.09516 -1.12060  1.000 12.87457 ? 8   LEU A CD2  1 
ATOM   129 H H    . LEU A 1 8  ? -0.57144 -0.92783 -0.66355  1.000 12.70631 ? 8   LEU A H    1 
ATOM   130 H HA   . LEU A 1 8  ? -1.63858 -3.04828 0.36392   1.000 13.24579 ? 8   LEU A HA   1 
ATOM   131 H HB2  . LEU A 1 8  ? -0.01337 -3.15722 -1.32696  1.000 14.14965 ? 8   LEU A HB2  1 
ATOM   132 H HB3  . LEU A 1 8  ? 1.07957  -2.62435 -0.30375  1.000 14.14965 ? 8   LEU A HB3  1 
ATOM   133 H HG   . LEU A 1 8  ? 1.11310  -4.60956 0.78246   1.000 15.09586 ? 8   LEU A HG   1 
ATOM   134 H HD11 . LEU A 1 8  ? -0.16203 -6.45782 0.02705   1.000 15.10946 ? 8   LEU A HD11 1 
ATOM   135 H HD12 . LEU A 1 8  ? -1.00165 -5.34007 0.78150   1.000 15.10946 ? 8   LEU A HD12 1 
ATOM   136 H HD13 . LEU A 1 8  ? -1.03726 -5.42524 -0.80438  1.000 15.10946 ? 8   LEU A HD13 1 
ATOM   137 H HD21 . LEU A 1 8  ? 1.99932  -5.95914 -0.84594  1.000 15.46761 ? 8   LEU A HD21 1 
ATOM   138 H HD22 . LEU A 1 8  ? 1.19322  -5.17792 -1.96996  1.000 15.46761 ? 8   LEU A HD22 1 
ATOM   139 H HD23 . LEU A 1 8  ? 2.38187  -4.45851 -1.19985  1.000 15.46761 ? 8   LEU A HD23 1 
HETATM 140 N N    . AIB A 1 9  ? 0.56539  -1.68399 2.25468   1.000 10.37683 ? 9   AIB A N    1 
HETATM 141 C CA   . AIB A 1 9  ? 0.98985  -1.53128 3.63769   1.000 9.86406  ? 9   AIB A CA   1 
HETATM 142 C C    . AIB A 1 9  ? -0.18816 -1.46256 4.62629   1.000 9.74866  ? 9   AIB A C    1 
HETATM 143 O O    . AIB A 1 9  ? -0.28706 -2.11885 5.64345   1.000 9.84320  ? 9   AIB A O    1 
HETATM 144 C CB1  . AIB A 1 9  ? 1.92437  -2.67471 4.12066   1.000 9.64166  ? 9   AIB A CB1  1 
HETATM 145 C CB2  . AIB A 1 9  ? 1.69474  -0.18874 3.83152   1.000 10.94734 ? 9   AIB A CB2  1 
HETATM 146 H H    . AIB A 1 9  ? 1.26408  -1.32168 1.63615   1.000 12.47032 ? 9   AIB A H    1 
HETATM 147 H HB11 . AIB A 1 9  ? 2.11757  -2.56624 5.21444   1.000 11.58812 ? 9   AIB A HB11 1 
HETATM 148 H HB12 . AIB A 1 9  ? 1.44103  -3.66216 3.92890   1.000 11.58812 ? 9   AIB A HB12 1 
HETATM 149 H HB13 . AIB A 1 9  ? 2.89365  -2.62671 3.56962   1.000 11.58812 ? 9   AIB A HB13 1 
HETATM 150 H HB21 . AIB A 1 9  ? 2.29016  -0.22237 4.77598   1.000 13.15494 ? 9   AIB A HB21 1 
HETATM 151 H HB22 . AIB A 1 9  ? 2.37135  -0.00316 2.96235   1.000 13.15494 ? 9   AIB A HB22 1 
HETATM 152 H HB23 . AIB A 1 9  ? 0.92728  0.62038  3.89496   1.000 13.15494 ? 9   AIB A HB23 1 
ATOM   153 N N    . GLN A 1 10 ? -1.15347 -0.63569 4.26637   1.000 9.70821  ? 10  GLN A N    1 
ATOM   154 C CA   . GLN A 1 10 ? -2.31093 -0.42427 5.10632   1.000 11.52566 ? 10  GLN A CA   1 
ATOM   155 C C    . GLN A 1 10 ? -3.14477 -1.69301 5.20659   1.000 10.37313 ? 10  GLN A C    1 
ATOM   156 O O    . GLN A 1 10 ? -3.56499 -2.07256 6.29358   1.000 9.45706  ? 10  GLN A O    1 
ATOM   157 C CB   . GLN A 1 10 ? -3.14949 0.73236  4.57059   1.000 13.62294 ? 10  GLN A CB   1 
ATOM   158 C CG   . GLN A 1 10 ? -4.42451 0.93917  5.38786   1.000 16.36172 ? 10  GLN A CG   1 
ATOM   159 C CD   . GLN A 1 10 ? -5.40726 1.89914  4.74459   1.000 20.03681 ? 10  GLN A CD   1 
ATOM   160 O OE1  . GLN A 1 10 ? -5.00868 2.87449  4.13478   1.000 23.78606 ? 10  GLN A OE1  1 
ATOM   161 N NE2  . GLN A 1 10 ? -6.69978 1.59381  4.85128   1.000 20.20705 ? 10  GLN A NE2  1 
ATOM   162 H H    . GLN A 1 10 ? -1.15963 -0.18318 3.53508   1.000 11.66798 ? 10  GLN A H    1 
ATOM   163 H HA   . GLN A 1 10 ? -2.02264 -0.18929 6.00219   1.000 13.84892 ? 10  GLN A HA   1 
ATOM   164 H HB2  . GLN A 1 10 ? -2.62779 1.54921  4.60936   1.000 16.36566 ? 10  GLN A HB2  1 
ATOM   165 H HB3  . GLN A 1 10 ? -3.40347 0.54412  3.65355   1.000 16.36566 ? 10  GLN A HB3  1 
ATOM   166 H HG2  . GLN A 1 10 ? -4.87075 0.08442  5.49356   1.000 19.65219 ? 10  GLN A HG2  1 
ATOM   167 H HG3  . GLN A 1 10 ? -4.18481 1.29796  6.25661   1.000 19.65219 ? 10  GLN A HG3  1 
ATOM   168 H HE21 . GLN A 1 10 ? -6.94032 0.88177  5.26928   1.000 24.26659 ? 10  GLN A HE21 1 
ATOM   169 H HE22 . GLN A 1 10 ? -7.29351 2.10877  4.50215   1.000 24.26659 ? 10  GLN A HE22 1 
HETATM 170 N N    . AIB A 1 11 ? -3.35794 -2.36994 4.08453   1.000 9.29229  ? 11  AIB A N    1 
HETATM 171 C CA   . AIB A 1 11 ? -4.12021 -3.60710 4.06640   1.000 8.85895  ? 11  AIB A CA   1 
HETATM 172 C C    . AIB A 1 11 ? -3.54843 -4.73738 4.95927   1.000 8.53237  ? 11  AIB A C    1 
HETATM 173 O O    . AIB A 1 11 ? -4.25277 -5.60338 5.50019   1.000 8.27648  ? 11  AIB A O    1 
HETATM 174 C CB1  . AIB A 1 11 ? -5.58009 -3.36137 4.50238   1.000 8.23287  ? 11  AIB A CB1  1 
HETATM 175 C CB2  . AIB A 1 11 ? -4.12776 -4.14400 2.61775   1.000 8.15408  ? 11  AIB A CB2  1 
HETATM 176 H H    . AIB A 1 11 ? -3.33889 -1.96372 3.16986   1.000 11.16888 ? 11  AIB A H    1 
HETATM 177 H HB11 . AIB A 1 11 ? -6.00347 -2.50068 3.93192   1.000 9.89757  ? 11  AIB A HB11 1 
HETATM 178 H HB12 . AIB A 1 11 ? -6.19170 -4.27273 4.30039   1.000 9.89757  ? 11  AIB A HB12 1 
HETATM 179 H HB13 . AIB A 1 11 ? -5.61323 -3.13090 5.59382   1.000 9.89757  ? 11  AIB A HB13 1 
HETATM 180 H HB21 . AIB A 1 11 ? -4.73046 -3.45577 1.97680   1.000 9.80302  ? 11  AIB A HB21 1 
HETATM 181 H HB22 . AIB A 1 11 ? -3.07733 -4.19155 2.24088   1.000 9.80302  ? 11  AIB A HB22 1 
HETATM 182 H HB23 . AIB A 1 11 ? -4.58085 -5.16494 2.60948   1.000 9.80302  ? 11  AIB A HB23 1 
ATOM   183 N N    . LEU A 1 12 ? -2.22837 -4.71965 5.15083   1.000 8.78541  ? 12  LEU A N    1 
ATOM   184 C CA   . LEU A 1 12 ? -1.54073 -5.78332 5.90207   1.000 8.92080  ? 12  LEU A CA   1 
ATOM   185 C C    . LEU A 1 12 ? -1.27076 -5.40986 7.34334   1.000 10.00542 ? 12  LEU A C    1 
ATOM   186 O O    . LEU A 1 12 ? -0.71267 -6.17850 8.11525   1.000 9.52691  ? 12  LEU A O    1 
ATOM   187 C CB   . LEU A 1 12 ? -0.20746 -6.09308 5.23933   1.000 9.36107  ? 12  LEU A CB   1 
ATOM   188 C CG   . LEU A 1 12 ? -0.39933 -6.59957 3.81185   1.000 10.18143 ? 12  LEU A CG   1 
ATOM   189 C CD1  . LEU A 1 12 ? 0.94096  -6.90369 3.21811   1.000 12.73300 ? 12  LEU A CD1  1 
ATOM   190 C CD2  . LEU A 1 12 ? -1.30665 -7.83250 3.79070   1.000 10.70898 ? 12  LEU A CD2  1 
ATOM   191 H H    . LEU A 1 12 ? -1.70438 -4.10407 4.85739   1.000 10.56062 ? 12  LEU A H    1 
ATOM   192 H HA   . LEU A 1 12 ? -2.11749 -6.56322 5.90086   1.000 10.72308 ? 12  LEU A HA   1 
ATOM   193 H HB2  . LEU A 1 12 ? 0.33015  -5.28627 5.20884   1.000 11.25141 ? 12  LEU A HB2  1 
ATOM   194 H HB3  . LEU A 1 12 ? 0.25189  -6.77878 5.74894   1.000 11.25141 ? 12  LEU A HB3  1 
ATOM   195 H HG   . LEU A 1 12 ? -0.83298 -5.91978 3.27266   1.000 12.23584 ? 12  LEU A HG   1 
ATOM   196 H HD11 . LEU A 1 12 ? 0.81503  -7.33644 2.35916   1.000 15.29773 ? 12  LEU A HD11 1 
ATOM   197 H HD12 . LEU A 1 12 ? 1.43049  -6.07436 3.10206   1.000 15.29773 ? 12  LEU A HD12 1 
ATOM   198 H HD13 . LEU A 1 12 ? 1.42554  -7.49275 3.81737   1.000 15.29773 ? 12  LEU A HD13 1 
ATOM   199 H HD21 . LEU A 1 12 ? -2.22507 -7.55106 3.92554   1.000 12.86890 ? 12  LEU A HD21 1 
ATOM   200 H HD22 . LEU A 1 12 ? -1.21884 -8.27450 2.93173   1.000 12.86890 ? 12  LEU A HD22 1 
ATOM   201 H HD23 . LEU A 1 12 ? -1.03749 -8.43490 4.50173   1.000 12.86890 ? 12  LEU A HD23 1 
HETATM 202 C C11  . I77 A 1 13 ? -3.35545 -2.67368 11.89160  1.000 22.86402 ? 13  I77 A C11  1 
HETATM 203 C C12  . I77 A 1 13 ? -2.39245 -3.46545 11.28815  1.000 18.81528 ? 13  I77 A C12  1 
HETATM 204 C C13  . I77 A 1 13 ? -2.60905 -3.81989 9.83544   1.000 14.39481 ? 13  I77 A C13  1 
HETATM 205 C C17  . I77 A 1 13 ? -1.25590 -3.87031 11.99665  1.000 19.45796 ? 13  I77 A C17  1 
HETATM 206 C C18  . I77 A 1 13 ? -1.14502 -3.46703 13.30549  1.000 20.92648 ? 13  I77 A C18  1 
HETATM 207 C C02  . I77 A 1 13 ? -1.17264 -0.67841 19.15323  1.000 36.72248 ? 13  I77 A C02  1 
HETATM 208 C C03  . I77 A 1 13 ? -1.50216 -1.23926 17.74390  1.000 35.28477 ? 13  I77 A C03  1 
HETATM 209 C C04  . I77 A 1 13 ? -2.81613 -1.19876 17.25951  1.000 30.32624 ? 13  I77 A C04  1 
HETATM 210 C C05  . I77 A 1 13 ? -3.07734 -1.69072 15.99118  1.000 27.38920 ? 13  I77 A C05  1 
HETATM 211 C C06  . I77 A 1 13 ? -0.49500 -1.75194 16.95672  1.000 35.77561 ? 13  I77 A C06  1 
HETATM 212 C C08  . I77 A 1 13 ? -2.02000 -2.21986 15.28187  1.000 27.85291 ? 13  I77 A C08  1 
HETATM 213 C C09  . I77 A 1 13 ? -2.16626 -2.72095 13.87093  1.000 25.00877 ? 13  I77 A C09  1 
HETATM 214 N N01  . I77 A 1 13 ? -2.22326 0.12721  19.74875  1.000 37.49855 ? 13  I77 A N01  1 
HETATM 215 N N07  . I77 A 1 13 ? -0.79777 -2.20974 15.76704  1.000 31.18828 ? 13  I77 A N07  1 
HETATM 216 N N10  . I77 A 1 13 ? -3.20609 -2.32377 13.15109  1.000 26.34893 ? 13  I77 A N10  1 
HETATM 217 N N14  . I77 A 1 13 ? -1.42936 -3.80337 8.99312   1.000 12.58203 ? 13  I77 A N14  1 
HETATM 218 N N15  . I77 A 1 13 ? -1.58261 -4.05892 7.63431   1.000 11.41846 ? 13  I77 A N15  1 
HETATM 219 O O16  . I77 A 1 13 ? -3.71440 -4.02381 9.42269   1.000 15.05182 ? 13  I77 A O16  1 
HETATM 220 O O19  . I77 A 1 13 ? -0.12479 -0.84644 19.71577  1.000 32.01402 ? 13  I77 A O19  1 
HETATM 221 H H111 . I77 A 1 13 ? -4.21972 -2.34699 11.33433  1.000 27.45496 ? 13  I77 A H111 1 
HETATM 222 H H171 . I77 A 1 13 ? -0.48642 -4.48334 11.52739  1.000 23.36768 ? 13  I77 A H171 1 
HETATM 223 H H181 . I77 A 1 13 ? -0.26627 -3.73026 13.89052  1.000 25.12990 ? 13  I77 A H181 1 
HETATM 224 H H041 . I77 A 1 13 ? -3.60760 -0.79306 17.86154  1.000 36.40962 ? 13  I77 A H041 1 
HETATM 225 H H051 . I77 A 1 13 ? -4.07544 -1.66089 15.57192  1.000 32.88517 ? 13  I77 A H051 1 
HETATM 226 H H061 . I77 A 1 13 ? 0.52517  -1.77614 17.31341  1.000 42.94886 ? 13  I77 A H061 1 
HETATM 227 H H011 . I77 A 1 13 ? -3.08445 0.25858  19.27120  1.000 45.01638 ? 13  I77 A H011 1 
HETATM 228 H H012 . I77 A 1 13 ? -2.08632 0.52060  20.65715  1.000 45.01638 ? 13  I77 A H012 1 
HETATM 229 H H141 . I77 A 1 13 ? -0.52145 -3.61172 9.38171   1.000 15.11656 ? 13  I77 A H141 1 
HETATM 230 H H1   . I77 A 1 13 ? -2.56306 -4.10321 7.42501   1.000 13.72028 ? 13  I77 A H1   1 
HETATM 231 N N    . CCN B 2 .  ? 4.53041  4.27899  -0.86744  1.000 31.40830 ? 101 CCN A N    1 
HETATM 232 C C1   . CCN B 2 .  ? 4.74800  5.37869  -0.64469  1.000 32.42658 ? 101 CCN A C1   1 
HETATM 233 C C2   . CCN B 2 .  ? 5.01827  6.76897  -0.37360  1.000 33.11622 ? 101 CCN A C2   1 
HETATM 234 H H21  . CCN B 2 .  ? 5.50772  6.85567  0.45937   1.000 39.75759 ? 101 CCN A H21  1 
HETATM 235 H H22  . CCN B 2 .  ? 5.54823  7.15013  -1.09107  1.000 39.75759 ? 101 CCN A H22  1 
HETATM 236 H H23  . CCN B 2 .  ? 4.18550  7.26115  -0.30189  1.000 39.75759 ? 101 CCN A H23  1 
HETATM 237 O O    . HOH C 3 .  ? -2.59468 4.41630  3.84260   1.000 39.67295 ? 201 HOH A O    1 
HETATM 238 O O    . HOH C 3 .  ? -0.27106 3.26637  4.11295   1.000 23.63028 ? 202 HOH A O    1 
HETATM 239 O O    . HOH C 3 .  ? -8.60962 3.65622  3.76601   1.000 45.42020 ? 203 HOH A O    1 
HETATM 240 O O    . HOH C 3 .  ? -3.24620 4.36196  -1.72514  1.000 21.47327 ? 204 HOH A O    1 
HETATM 241 O O    . HOH C 3 .  ? -2.07546 -5.39295 15.53438  1.000 47.20883 ? 205 HOH A O    1 
HETATM 242 O O    . HOH C 3 .  ? -5.19748 -6.43119 15.15885  1.000 50.89493 ? 206 HOH A O    1 
HETATM 243 O O    . HOH C 3 .  ? 2.88837  -4.47549 -5.19910  1.000 48.18830 ? 207 HOH A O    1 
HETATM 244 O O    . HOH C 3 .  ? 4.25281  -0.84699 13.26812  1.000 42.63709 ? 208 HOH A O    1 
HETATM 245 O O    . HOH C 3 .  ? 2.32636  5.66162  7.33339   1.000 48.37623 ? 209 HOH A O    1 
HETATM 246 O O    . HOH C 3 .  ? 5.05446  5.11841  13.43043  1.000 52.10943 ? 210 HOH A O    1 
# 
loop_
_atom_site_anisotrop.id 
_atom_site_anisotrop.type_symbol 
_atom_site_anisotrop.pdbx_label_atom_id 
_atom_site_anisotrop.pdbx_label_alt_id 
_atom_site_anisotrop.pdbx_label_comp_id 
_atom_site_anisotrop.pdbx_label_asym_id 
_atom_site_anisotrop.pdbx_label_seq_id 
_atom_site_anisotrop.pdbx_PDB_ins_code 
_atom_site_anisotrop.U[1][1] 
_atom_site_anisotrop.U[2][2] 
_atom_site_anisotrop.U[3][3] 
_atom_site_anisotrop.U[1][2] 
_atom_site_anisotrop.U[1][3] 
_atom_site_anisotrop.U[2][3] 
_atom_site_anisotrop.pdbx_auth_seq_id 
_atom_site_anisotrop.pdbx_auth_comp_id 
_atom_site_anisotrop.pdbx_auth_asym_id 
_atom_site_anisotrop.pdbx_auth_atom_id 
1   O O1  . Z7Z A 1  ? 0.08082 0.21665 0.12133 0.00609  0.01175  0.08430  1   Z7Z A O1  
2   C C1  . Z7Z A 1  ? 0.06688 0.20090 0.12851 0.01855  0.01136  0.08266  1   Z7Z A C1  
3   C C2  . Z7Z A 1  ? 0.06353 0.20266 0.12580 0.00508  0.00216  0.08008  1   Z7Z A C2  
4   C C3  . Z7Z A 1  ? 0.10054 0.20773 0.13538 -0.00651 0.01154  0.07854  1   Z7Z A C3  
5   C C4  . Z7Z A 1  ? 0.11400 0.20855 0.13204 -0.01323 0.01571  0.07613  1   Z7Z A C4  
6   C C5  . Z7Z A 1  ? 0.06768 0.19774 0.13539 -0.00167 0.00803  0.07585  1   Z7Z A C5  
7   C C6  . Z7Z A 1  ? 0.08039 0.19572 0.13565 -0.01006 0.01639  0.06931  1   Z7Z A C6  
8   C C7  . Z7Z A 1  ? 0.08811 0.19957 0.13508 -0.01045 0.01158  0.07240  1   Z7Z A C7  
9   C C8  . Z7Z A 1  ? 0.06967 0.19614 0.12054 -0.00290 0.00002  0.06801  1   Z7Z A C8  
10  C C9  . Z7Z A 1  ? 0.07196 0.19570 0.11196 0.00617  -0.00245 0.06889  1   Z7Z A C9  
11  C C10 . Z7Z A 1  ? 0.09820 0.19013 0.11947 0.00932  0.00618  0.06888  1   Z7Z A C10 
12  C C11 . Z7Z A 1  ? 0.08995 0.19117 0.11706 0.02161  0.01180  0.07103  1   Z7Z A C11 
13  C C12 . Z7Z A 1  ? 0.09703 0.18763 0.11754 0.01613  0.00440  0.06927  1   Z7Z A C12 
14  C C13 . Z7Z A 1  ? 0.06789 0.19066 0.11770 0.01733  0.00115  0.07011  1   Z7Z A C13 
24  N N   . ALA A 2  ? 0.07239 0.18160 0.13729 0.03171  0.02067  0.08422  2   ALA A N   
25  C CA  . ALA A 2  ? 0.08089 0.17600 0.14332 0.03100  0.02442  0.08188  2   ALA A CA  
26  C C   . ALA A 2  ? 0.06362 0.18584 0.13402 0.01698  0.00944  0.07881  2   ALA A C   
27  O O   . ALA A 2  ? 0.05961 0.19064 0.12576 0.00319  0.00179  0.07296  2   ALA A O   
28  C CB  . ALA A 2  ? 0.06597 0.16370 0.14186 0.02578  0.01584  0.07785  2   ALA A CB  
34  N N   . AIB A 3  ? 0.06215 0.19626 0.13056 0.00731  -0.00038 0.07381  3   AIB A N   
35  C CA  . AIB A 3  ? 0.06270 0.20862 0.13159 -0.00345 -0.00213 0.07041  3   AIB A CA  
36  C C   . AIB A 3  ? 0.06176 0.21510 0.12023 -0.01078 -0.00737 0.05711  3   AIB A C   
37  O O   . AIB A 3  ? 0.07065 0.21094 0.11840 -0.01559 -0.02105 0.06477  3   AIB A O   
38  C CB1 . AIB A 3  ? 0.06442 0.20486 0.13734 0.00954  0.00081  0.07429  3   AIB A CB1 
39  C CB2 . AIB A 3  ? 0.06751 0.21880 0.12872 -0.02021 -0.00130 0.06447  3   AIB A CB2 
47  N N   A LEU A 4  ? 0.06751 0.21864 0.11281 -0.00970 -0.01760 0.05455  4   LEU A N   
48  N N   B LEU A 4  ? 0.09387 0.22699 0.15153 -0.02634 0.03044  0.04168  4   LEU A N   
49  C CA  A LEU A 4  ? 0.08283 0.24039 0.09774 -0.01362 -0.02025 0.04890  4   LEU A CA  
50  C CA  B LEU A 4  ? 0.08704 0.23949 0.13991 -0.02940 0.02257  0.02671  4   LEU A CA  
51  C C   A LEU A 4  ? 0.09057 0.23493 0.09097 -0.00482 -0.01212 0.04856  4   LEU A C   
52  C C   B LEU A 4  ? 0.08731 0.23666 0.10551 -0.03018 -0.00894 0.03320  4   LEU A C   
53  O O   A LEU A 4  ? 0.08707 0.24088 0.08260 -0.00681 -0.00797 0.04326  4   LEU A O   
54  O O   B LEU A 4  ? 0.12222 0.24780 0.09570 -0.05953 -0.01822 0.02625  4   LEU A O   
55  C CB  A LEU A 4  ? 0.10527 0.27018 0.09682 -0.04464 -0.01126 0.03224  4   LEU A CB  
56  C CB  B LEU A 4  ? 0.08826 0.25781 0.16145 -0.03817 0.03394  0.01233  4   LEU A CB  
57  C CG  A LEU A 4  ? 0.15686 0.30265 0.10453 -0.08798 0.01094  0.01450  4   LEU A CG  
58  C CG  B LEU A 4  ? 0.13825 0.27451 0.16964 -0.04378 0.04363  0.00734  4   LEU A CG  
59  C CD1 A LEU A 4  ? 0.14683 0.31397 0.10361 -0.10489 0.00448  0.00899  4   LEU A CD1 
60  C CD1 B LEU A 4  ? 0.24381 0.28201 0.18426 -0.05423 0.07827  0.00429  4   LEU A CD1 
61  C CD2 A LEU A 4  ? 0.23233 0.31220 0.12321 -0.10371 0.04589  0.00446  4   LEU A CD2 
62  C CD2 B LEU A 4  ? 0.17991 0.27438 0.18789 -0.03838 0.06637  0.00744  4   LEU A CD2 
85  N N   . AIB A 5  ? 0.08226 0.22450 0.09160 -0.00564 -0.01593 0.04753  5   AIB A N   
86  C CA  . AIB A 5  ? 0.09573 0.21381 0.10375 -0.01870 -0.00360 0.04802  5   AIB A CA  
87  C C   . AIB A 5  ? 0.07790 0.20519 0.09707 -0.00738 -0.01138 0.04660  5   AIB A C   
88  O O   . AIB A 5  ? 0.06694 0.19953 0.09447 0.00688  -0.01256 0.05049  5   AIB A O   
89  C CB1 . AIB A 5  ? 0.06418 0.21658 0.10411 -0.02298 -0.00954 0.04833  5   AIB A CB1 
90  C CB2 . AIB A 5  ? 0.08069 0.20829 0.10833 -0.00866 0.00330  0.05330  5   AIB A CB2 
98  N N   . ALA A 6  ? 0.08432 0.20616 0.09182 0.00486  -0.01539 0.05289  6   ALA A N   
99  C CA  . ALA A 6  ? 0.08195 0.21064 0.10451 0.01594  -0.01344 0.06159  6   ALA A CA  
100 C C   . ALA A 6  ? 0.08730 0.19759 0.10418 0.01873  -0.01691 0.05965  6   ALA A C   
101 O O   . ALA A 6  ? 0.09156 0.19695 0.09268 0.01151  -0.02464 0.04845  6   ALA A O   
102 C CB  . ALA A 6  ? 0.08057 0.22724 0.10430 -0.00624 -0.01183 0.05577  6   ALA A CB  
108 N N   . AIB A 7  ? 0.07202 0.19387 0.11679 0.01146  -0.01480 0.06000  7   AIB A N   
109 C CA  . AIB A 7  ? 0.07821 0.18865 0.13456 -0.00534 -0.00338 0.06258  7   AIB A CA  
110 C C   . AIB A 7  ? 0.07795 0.19808 0.12608 -0.00856 -0.01258 0.06163  7   AIB A C   
111 O O   . AIB A 7  ? 0.06596 0.19294 0.13179 -0.00216 -0.01455 0.07225  7   AIB A O   
112 C CB1 . AIB A 7  ? 0.07993 0.17851 0.15479 0.00060  0.01323  0.06501  7   AIB A CB1 
113 C CB2 . AIB A 7  ? 0.06176 0.18755 0.12513 -0.01400 -0.01855 0.05986  7   AIB A CB2 
121 N N   . LEU A 8  ? 0.07192 0.20880 0.12103 0.00226  -0.01885 0.06263  8   LEU A N   
122 C CA  . LEU A 8  ? 0.07153 0.22270 0.12459 0.01637  -0.00982 0.06087  8   LEU A CA  
123 C C   . LEU A 8  ? 0.07319 0.21178 0.12934 0.01652  0.00531  0.06397  8   LEU A C   
124 O O   . LEU A 8  ? 0.07439 0.21817 0.13309 0.00116  0.01592  0.05657  8   LEU A O   
125 C CB  . LEU A 8  ? 0.07870 0.24875 0.11999 0.01944  -0.01528 0.04786  8   LEU A CB  
126 C CG  . LEU A 8  ? 0.08500 0.26844 0.12397 0.02138  -0.01416 0.03401  8   LEU A CG  
127 C CD1 . LEU A 8  ? 0.08412 0.26970 0.12401 0.02889  -0.01704 0.03104  8   LEU A CD1 
128 C CD2 . LEU A 8  ? 0.08384 0.28117 0.12416 0.00941  -0.01617 0.02486  8   LEU A CD2 
140 N N   . AIB A 9  ? 0.06608 0.21116 0.11703 0.01260  0.00125  0.06624  9   AIB A N   
141 C CA  . AIB A 9  ? 0.06456 0.21038 0.09985 -0.00390 -0.01022 0.06157  9   AIB A CA  
142 C C   . AIB A 9  ? 0.06627 0.19146 0.11268 0.00024  -0.01033 0.05850  9   AIB A C   
143 O O   . AIB A 9  ? 0.07210 0.17841 0.12349 -0.00184 0.00431  0.06205  9   AIB A O   
144 C CB1 . AIB A 9  ? 0.06375 0.20429 0.09831 -0.01237 -0.01338 0.05994  9   AIB A CB1 
145 C CB2 . AIB A 9  ? 0.09264 0.23508 0.08823 -0.03477 -0.01394 0.05987  9   AIB A CB2 
153 N N   . GLN A 10 ? 0.06506 0.18780 0.11601 0.01309  -0.01783 0.04762  10  GLN A N   
154 C CA  . GLN A 10 ? 0.10059 0.20719 0.13015 0.02637  -0.01103 0.04604  10  GLN A CA  
155 C C   . GLN A 10 ? 0.10514 0.18030 0.10868 0.02201  -0.01258 0.04568  10  GLN A C   
156 O O   . GLN A 10 ? 0.06899 0.18718 0.10315 0.00090  -0.02321 0.03585  10  GLN A O   
157 C CB  . GLN A 10 ? 0.10345 0.25954 0.15462 0.03666  -0.01662 0.03965  10  GLN A CB  
158 C CG  . GLN A 10 ? 0.12319 0.30927 0.18922 0.07010  -0.00242 0.04290  10  GLN A CG  
159 C CD  . GLN A 10 ? 0.19663 0.34851 0.21616 0.12638  0.03334  0.05678  10  GLN A CD  
160 O OE1 . GLN A 10 ? 0.31549 0.34800 0.24028 0.16349  0.08126  0.06449  10  GLN A OE1 
161 N NE2 . GLN A 10 ? 0.18104 0.37218 0.21457 0.13025  0.01682  0.05987  10  GLN A NE2 
170 N N   . AIB A 11 ? 0.10022 0.15684 0.09600 0.03129  -0.00702 0.05032  11  AIB A N   
171 C CA  . AIB A 11 ? 0.09839 0.14306 0.09515 0.02194  0.00214  0.04724  11  AIB A CA  
172 C C   . AIB A 11 ? 0.07427 0.14979 0.10013 0.00871  0.00167  0.05257  11  AIB A C   
173 O O   . AIB A 11 ? 0.06439 0.15830 0.09177 0.00129  0.00400  0.05236  11  AIB A O   
174 C CB1 . AIB A 11 ? 0.09159 0.13229 0.08893 0.02647  -0.00106 0.04293  11  AIB A CB1 
175 C CB2 . AIB A 11 ? 0.07399 0.14613 0.08970 0.01154  -0.00626 0.04231  11  AIB A CB2 
183 N N   . LEU A 12 ? 0.06672 0.16322 0.10387 -0.00804 -0.00875 0.05346  12  LEU A N   
184 C CA  . LEU A 12 ? 0.06105 0.17342 0.10448 -0.02012 -0.02199 0.05257  12  LEU A CA  
185 C C   . LEU A 12 ? 0.09809 0.17436 0.10772 -0.01668 -0.02254 0.04537  12  LEU A C   
186 O O   . LEU A 12 ? 0.08819 0.17059 0.10321 -0.01450 -0.01925 0.05035  12  LEU A O   
187 C CB  . LEU A 12 ? 0.05936 0.17891 0.11741 -0.01789 -0.01741 0.05850  12  LEU A CB  
188 C CG  . LEU A 12 ? 0.06634 0.19549 0.12502 -0.01952 -0.00991 0.06948  12  LEU A CG  
189 C CD1 . LEU A 12 ? 0.15287 0.19874 0.13218 -0.05594 -0.00373 0.06377  12  LEU A CD1 
190 C CD2 . LEU A 12 ? 0.06801 0.20538 0.13350 -0.01261 0.00103  0.07300  12  LEU A CD2 
202 C C11 . I77 A 13 ? 0.34739 0.38330 0.13804 0.02907  0.01204  -0.03622 13  I77 A C11 
203 C C12 . I77 A 13 ? 0.23582 0.33886 0.14022 0.05652  -0.00530 -0.01446 13  I77 A C12 
204 C C13 . I77 A 13 ? 0.13484 0.26626 0.14583 0.05636  -0.01088 0.01137  13  I77 A C13 
205 C C17 . I77 A 13 ? 0.23244 0.37105 0.13584 0.07514  -0.01491 -0.02007 13  I77 A C17 
206 C C18 . I77 A 13 ? 0.25635 0.40482 0.13395 0.09023  -0.01826 -0.02353 13  I77 A C18 
207 C C02 . I77 A 13 ? 0.54980 0.64316 0.20232 -0.07072 0.03475  -0.09518 13  I77 A C02 
208 C C03 . I77 A 13 ? 0.57759 0.58265 0.18042 0.01221  0.03353  -0.06812 13  I77 A C03 
209 C C04 . I77 A 13 ? 0.44344 0.54814 0.16067 0.07019  -0.00857 -0.05086 13  I77 A C04 
210 C C05 . I77 A 13 ? 0.37533 0.51708 0.14825 0.09440  -0.02458 -0.04261 13  I77 A C05 
211 C C06 . I77 A 13 ? 0.63140 0.55314 0.17477 0.03466  0.04017  -0.05957 13  I77 A C06 
212 C C08 . I77 A 13 ? 0.42039 0.49414 0.14377 0.08222  -0.00853 -0.04229 13  I77 A C08 
213 C C09 . I77 A 13 ? 0.36909 0.43831 0.14283 0.07629  0.00458  -0.03487 13  I77 A C09 
214 N N01 . I77 A 13 ? 0.57875 0.65050 0.19553 -0.06630 0.03322  -0.09109 13  I77 A N01 
215 N N07 . I77 A 13 ? 0.51077 0.52346 0.15079 0.05734  -0.00179 -0.04837 13  I77 A N07 
216 N N10 . I77 A 13 ? 0.43562 0.41720 0.14832 0.03367  0.03510  -0.04440 13  I77 A N10 
217 N N14 . I77 A 13 ? 0.12638 0.21683 0.13486 0.04478  -0.01398 0.03035  13  I77 A N14 
218 N N15 . I77 A 13 ? 0.12624 0.18463 0.12297 0.01609  -0.01419 0.04019  13  I77 A N15 
219 O O16 . I77 A 13 ? 0.15156 0.26001 0.16033 0.02227  0.00566  -0.00104 13  I77 A O16 
220 O O19 . I77 A 13 ? 0.34490 0.65992 0.21156 -0.10946 -0.01857 -0.10188 13  I77 A O19 
231 N N   . CCN B .  ? 0.26715 0.53584 0.39038 -0.11778 -0.01093 -0.20029 101 CCN A N   
232 C C1  . CCN B .  ? 0.31815 0.54050 0.37340 -0.12059 -0.02722 -0.19289 101 CCN A C1  
233 C C2  . CCN B .  ? 0.35913 0.54480 0.35433 -0.12489 -0.04549 -0.18730 101 CCN A C2  
237 O O   . HOH C .  ? 0.60250 0.25455 0.65035 0.10030  0.11427  0.12693  201 HOH A O   
238 O O   . HOH C .  ? 0.20695 0.28691 0.40398 0.01365  -0.01774 0.18849  202 HOH A O   
239 O O   . HOH C .  ? 0.81459 0.49647 0.41470 0.28638  -0.26826 -0.15066 203 HOH A O   
240 O O   . HOH C .  ? 0.21674 0.26402 0.33512 -0.08723 -0.13328 0.07229  204 HOH A O   
241 O O   . HOH C .  ? 0.67654 0.44197 0.67522 -0.20612 -0.34789 0.24003  205 HOH A O   
242 O O   . HOH C .  ? 0.41478 0.57959 0.93940 0.09164  -0.08078 -0.40497 206 HOH A O   
243 O O   . HOH C .  ? 0.75496 0.78879 0.28718 -0.01573 -0.01137 -0.20224 207 HOH A O   
244 O O   . HOH C .  ? 0.42879 0.69904 0.49218 0.22231  0.00167  0.23851  208 HOH A O   
245 O O   . HOH C .  ? 0.73270 0.60923 0.49616 0.16403  -0.02496 -0.16913 209 HOH A O   
246 O O   . HOH C .  ? 0.54394 0.67467 0.76131 -0.34973 -0.08802 0.00664  210 HOH A O   
# 
